data_7SJX
#
_entry.id   7SJX
#
_entity_poly.entity_id   1
_entity_poly.type   'polypeptide(L)'
_entity_poly.pdbx_seq_one_letter_code
;MGSSHHHHHHMATVKFKYKGEEKEVDISKIKKVWRVGKMISFTYDEGGGKTGRGAVSEKDAPKELLQMLEKQKKALEVLF
QGPMGRDNNSPSEAGADRQGTVSFNFPQITLWQRPLVTIKIGGQLKEALLATGADDTVLEEMSLPGRWKPKMIGGIGGFI
KVRQYDQILIEICGHKAIGTVLVGPTPVNIIGRNLLTQIGCTLNFPISPIETVPVKLKPGMDGPKVKQWPLTEEKIKALV
EICTEMEKEGKISKIGPENPYNTPVFAIKKKDSTKWRKLVDFRELNKRTQDFWEVQLGIPHPAGLKKKKSVTVLDVGDAY
FSVPLDEDFRKYTAFTIPSINNETPGIRYQYNVLPQGWKGSPAIFQSSMTKILEPFKKQNPDIVIYQYMDDLYVGSDLEI
GQHRTKIEELRQHLLRWGLTTPDKKHQKEPPFLWMGYELHPDKWTVQPIVLPEKDSWTVNDIQKLVGKLNWASQIYPGIK
VRQLCKLLRGTKALTEVIPLTEEAELELAENREILKEPVHGVYYDPSKDLIAEIQKQGQGQWTYQIYQEPFKNLKTGKYA
RMRGAHTNDVKQLTEAVQKITTESIVIWGKTPKFKLPIQKETWETWWTEYWQATWIPEWEFVNTPPLVKLWYQLEKEPIV
GAETFYVDGAANRETKLGKAGYVTNKGRQKVVPLTNTTNQKTELQAIYLALQDSGLEVNIVTDSQYALGIIQAQPDKSES
ELVNQIIEQLIKKEKVYLAWVPAHKGIGGNEQVDKLVSAGIRKIDDLDGIDKAQDEHEKYHSNWRAMASDFNLPPVVAKE
IVASCDKCQLKGEAMHGQVDCSPGIWQLDCTHLEGKVILVAVHVASGYIEAEVIPAETGQETAYFLLKLAGRWPVKTIHT
DNGSNFTSATVKAACWWAGIKQEFGIPYNPQSQGVVESMNKELKKIIGQVRDQAEHLKTAVQMAVFIHNFKRKGGIGGYS
AGERIVDIIATDIQTKELQKQITKIQNFRVYYRDSRNPLWKGPAKLLWKGEGAVVIQDNSDIKVVPRRKAKIIRDYGKQM
AGDDCVASRQDED
;
_entity_poly.pdbx_strand_id   A,B
#
# COMPACT_ATOMS: atom_id res chain seq x y z
N PRO A 107 0.03 24.63 -16.81
CA PRO A 107 -0.80 24.95 -15.64
C PRO A 107 -2.08 25.71 -16.03
N GLN A 108 -3.14 25.57 -15.24
CA GLN A 108 -4.42 26.28 -15.52
C GLN A 108 -4.32 27.71 -14.98
N ILE A 109 -4.64 28.72 -15.80
CA ILE A 109 -4.49 30.15 -15.39
C ILE A 109 -5.87 30.81 -15.39
N THR A 110 -6.30 31.33 -14.24
CA THR A 110 -7.59 32.10 -14.19
C THR A 110 -7.34 33.48 -14.82
N LEU A 111 -8.38 34.09 -15.38
CA LEU A 111 -8.20 35.38 -16.10
C LEU A 111 -8.56 36.56 -15.19
N TRP A 112 -8.67 36.33 -13.88
CA TRP A 112 -9.11 37.41 -12.95
C TRP A 112 -8.14 38.59 -13.05
N GLN A 113 -6.84 38.33 -13.20
CA GLN A 113 -5.86 39.42 -13.42
C GLN A 113 -5.06 39.07 -14.69
N ARG A 114 -4.37 40.03 -15.30
CA ARG A 114 -3.71 39.79 -16.61
C ARG A 114 -2.77 38.57 -16.55
N PRO A 115 -2.79 37.67 -17.55
CA PRO A 115 -2.00 36.44 -17.50
C PRO A 115 -0.55 36.64 -17.98
N LEU A 116 0.23 37.44 -17.25
CA LEU A 116 1.64 37.68 -17.61
C LEU A 116 2.49 36.45 -17.28
N VAL A 117 3.46 36.12 -18.14
CA VAL A 117 4.38 34.97 -17.87
C VAL A 117 5.81 35.44 -18.10
N THR A 118 6.78 34.81 -17.45
CA THR A 118 8.20 35.23 -17.56
C THR A 118 8.75 34.90 -18.96
N ILE A 119 9.45 35.85 -19.58
CA ILE A 119 10.04 35.61 -20.94
C ILE A 119 11.53 35.99 -20.89
N LYS A 120 12.40 35.11 -21.41
CA LYS A 120 13.86 35.37 -21.33
C LYS A 120 14.49 35.43 -22.73
N ILE A 121 15.01 36.59 -23.13
CA ILE A 121 15.61 36.72 -24.46
C ILE A 121 17.15 36.76 -24.52
N GLY A 122 17.77 35.59 -24.52
CA GLY A 122 19.24 35.49 -24.66
C GLY A 122 19.94 36.14 -23.46
N GLY A 123 19.46 35.88 -22.25
CA GLY A 123 20.03 36.51 -21.06
C GLY A 123 19.05 37.46 -20.41
N GLN A 124 18.24 38.15 -21.22
CA GLN A 124 17.30 39.14 -20.71
C GLN A 124 16.04 38.56 -20.06
N LEU A 125 15.83 38.90 -18.79
CA LEU A 125 14.65 38.47 -18.06
C LEU A 125 13.60 39.55 -18.28
N LYS A 126 12.34 39.17 -18.34
CA LYS A 126 11.25 40.13 -18.55
C LYS A 126 9.92 39.42 -18.54
N GLU A 127 8.81 40.15 -18.57
CA GLU A 127 7.50 39.44 -18.56
C GLU A 127 6.67 39.90 -19.77
N ALA A 128 5.89 38.98 -20.34
CA ALA A 128 5.06 39.31 -21.51
C ALA A 128 3.62 38.85 -21.24
N LEU A 129 2.64 39.47 -21.89
CA LEU A 129 1.21 39.13 -21.68
C LEU A 129 0.78 38.07 -22.71
N LEU A 130 0.27 36.93 -22.23
CA LEU A 130 -0.19 35.86 -23.16
C LEU A 130 -1.45 36.40 -23.83
N ALA A 131 -1.39 36.72 -25.11
CA ALA A 131 -2.54 37.25 -25.83
C ALA A 131 -2.99 36.30 -26.94
N THR A 132 -4.19 35.74 -26.78
CA THR A 132 -4.75 34.80 -27.78
C THR A 132 -5.12 35.54 -29.05
N GLY A 133 -5.55 36.80 -28.88
CA GLY A 133 -5.94 37.61 -30.02
C GLY A 133 -4.75 38.13 -30.80
N ALA A 134 -3.69 38.48 -30.07
CA ALA A 134 -2.48 38.99 -30.70
C ALA A 134 -1.84 37.92 -31.58
N ASP A 135 -2.30 37.83 -32.83
CA ASP A 135 -1.77 36.85 -33.76
C ASP A 135 -0.25 36.75 -33.74
N ASP A 136 0.42 37.87 -33.51
CA ASP A 136 1.91 37.86 -33.48
C ASP A 136 2.46 38.29 -32.12
N THR A 137 3.69 37.87 -31.81
CA THR A 137 4.32 38.27 -30.51
C THR A 137 4.99 39.63 -30.70
N VAL A 138 4.63 40.62 -29.87
CA VAL A 138 5.19 41.99 -30.04
C VAL A 138 5.94 42.44 -28.78
N LEU A 139 7.22 42.79 -28.92
CA LEU A 139 8.05 43.24 -27.74
C LEU A 139 8.54 44.73 -27.65
N GLU A 140 8.49 45.34 -26.47
CA GLU A 140 8.85 46.78 -26.38
C GLU A 140 10.30 46.96 -26.84
N GLU A 141 11.20 46.06 -26.40
CA GLU A 141 12.63 46.18 -26.78
C GLU A 141 13.31 44.81 -26.74
N MET A 142 14.35 44.61 -27.57
CA MET A 142 15.17 43.38 -27.50
C MET A 142 16.62 43.88 -27.39
N SER A 143 17.46 43.24 -26.56
CA SER A 143 18.82 43.79 -26.34
C SER A 143 19.76 43.45 -27.52
N LEU A 144 20.35 44.47 -28.15
CA LEU A 144 21.31 44.25 -29.26
C LEU A 144 20.72 43.33 -30.35
N PRO A 145 19.45 43.51 -30.79
CA PRO A 145 18.83 42.59 -31.75
C PRO A 145 19.51 42.63 -33.12
N GLY A 146 20.07 43.78 -33.49
CA GLY A 146 20.69 43.93 -34.82
C GLY A 146 19.64 44.05 -35.91
N ARG A 147 19.91 43.60 -37.13
CA ARG A 147 18.97 43.78 -38.25
C ARG A 147 17.50 43.31 -38.12
N TRP A 148 16.58 44.08 -38.71
CA TRP A 148 15.17 43.73 -38.64
C TRP A 148 14.37 44.29 -39.81
N LYS A 149 13.57 43.44 -40.45
CA LYS A 149 12.75 43.86 -41.58
C LYS A 149 11.55 44.65 -41.09
N PRO A 150 11.15 45.68 -41.85
CA PRO A 150 10.00 46.51 -41.48
C PRO A 150 8.66 45.79 -41.66
N LYS A 151 7.75 45.97 -40.70
CA LYS A 151 6.42 45.30 -40.77
C LYS A 151 5.33 46.28 -40.30
N MET A 152 4.09 46.12 -40.77
CA MET A 152 2.97 46.97 -40.30
C MET A 152 1.91 46.08 -39.65
N ILE A 153 1.50 46.44 -38.43
CA ILE A 153 0.48 45.62 -37.69
C ILE A 153 -0.64 46.53 -37.21
N GLY A 154 -1.86 45.98 -37.07
CA GLY A 154 -3.01 46.80 -36.62
C GLY A 154 -3.41 46.52 -35.20
N GLY A 155 -3.95 47.51 -34.50
CA GLY A 155 -4.42 47.30 -33.11
C GLY A 155 -5.68 48.12 -32.95
N ILE A 156 -6.22 48.22 -31.72
CA ILE A 156 -7.50 48.94 -31.51
C ILE A 156 -7.18 50.43 -31.40
N GLY A 157 -7.37 51.17 -32.48
CA GLY A 157 -7.09 52.59 -32.51
C GLY A 157 -6.40 53.03 -33.78
N GLY A 158 -5.69 52.09 -34.41
CA GLY A 158 -4.99 52.38 -35.64
C GLY A 158 -3.98 51.31 -36.01
N PHE A 159 -2.85 51.72 -36.57
CA PHE A 159 -1.81 50.79 -36.97
C PHE A 159 -0.44 51.26 -36.48
N ILE A 160 0.55 50.38 -36.53
CA ILE A 160 1.94 50.74 -36.09
C ILE A 160 3.04 49.96 -36.82
N LYS A 161 4.10 50.66 -37.25
CA LYS A 161 5.26 50.00 -37.88
C LYS A 161 6.00 49.22 -36.78
N VAL A 162 6.47 48.02 -37.09
CA VAL A 162 7.16 47.17 -36.07
C VAL A 162 8.42 46.55 -36.69
N ARG A 163 9.39 46.18 -35.85
CA ARG A 163 10.65 45.57 -36.33
C ARG A 163 10.49 44.05 -36.23
N GLN A 164 10.64 43.33 -37.33
CA GLN A 164 10.39 41.87 -37.30
C GLN A 164 11.71 41.12 -37.09
N TYR A 165 11.75 40.20 -36.12
CA TYR A 165 12.97 39.42 -35.84
C TYR A 165 12.63 37.94 -36.04
N ASP A 166 13.48 37.17 -36.74
CA ASP A 166 13.11 35.77 -37.08
C ASP A 166 13.97 34.76 -36.33
N GLN A 167 13.43 33.56 -36.07
CA GLN A 167 14.19 32.47 -35.38
C GLN A 167 14.65 32.92 -34.00
N ILE A 168 13.82 33.70 -33.30
CA ILE A 168 14.18 34.13 -31.91
C ILE A 168 13.88 32.97 -30.96
N LEU A 169 14.88 32.55 -30.17
CA LEU A 169 14.63 31.49 -29.15
C LEU A 169 14.23 32.18 -27.86
N ILE A 170 12.98 32.01 -27.42
CA ILE A 170 12.49 32.72 -26.21
C ILE A 170 11.90 31.68 -25.26
N GLU A 171 12.15 31.82 -23.96
CA GLU A 171 11.53 30.89 -22.98
C GLU A 171 10.31 31.58 -22.38
N ILE A 172 9.11 31.09 -22.70
CA ILE A 172 7.87 31.73 -22.19
C ILE A 172 7.26 30.81 -21.12
N CYS A 173 7.26 31.26 -19.87
CA CYS A 173 6.67 30.51 -18.72
C CYS A 173 7.29 29.12 -18.56
N GLY A 174 8.58 28.97 -18.84
CA GLY A 174 9.26 27.67 -18.65
C GLY A 174 9.12 26.72 -19.84
N HIS A 175 8.56 27.21 -20.95
CA HIS A 175 8.45 26.37 -22.18
C HIS A 175 9.16 27.07 -23.34
N LYS A 176 10.13 26.40 -23.98
CA LYS A 176 10.93 27.04 -25.05
C LYS A 176 10.14 27.21 -26.35
N ALA A 177 10.28 28.36 -27.02
CA ALA A 177 9.64 28.57 -28.35
C ALA A 177 10.62 29.29 -29.28
N ILE A 178 10.83 28.80 -30.50
CA ILE A 178 11.68 29.56 -31.46
C ILE A 178 10.78 30.12 -32.55
N GLY A 179 10.56 31.44 -32.56
CA GLY A 179 9.61 32.01 -33.53
C GLY A 179 9.86 33.48 -33.79
N THR A 180 9.20 34.04 -34.81
CA THR A 180 9.38 35.48 -35.15
C THR A 180 8.97 36.32 -33.94
N VAL A 181 9.79 37.32 -33.58
CA VAL A 181 9.39 38.25 -32.48
C VAL A 181 9.36 39.67 -33.06
N LEU A 182 8.20 40.34 -32.98
CA LEU A 182 8.10 41.74 -33.46
C LEU A 182 8.60 42.67 -32.36
N VAL A 183 9.22 43.80 -32.72
CA VAL A 183 9.58 44.81 -31.70
C VAL A 183 8.91 46.11 -32.15
N GLY A 184 7.98 46.63 -31.35
CA GLY A 184 7.22 47.81 -31.78
C GLY A 184 6.69 48.57 -30.58
N PRO A 185 6.00 49.71 -30.75
CA PRO A 185 5.56 50.52 -29.61
C PRO A 185 4.28 49.93 -29.02
N THR A 186 4.36 48.68 -28.52
CA THR A 186 3.19 48.02 -27.88
C THR A 186 3.04 48.55 -26.46
N PRO A 187 1.81 48.76 -25.94
CA PRO A 187 1.62 49.20 -24.55
C PRO A 187 2.17 48.17 -23.55
N VAL A 188 1.97 46.88 -23.82
CA VAL A 188 2.51 45.80 -22.93
C VAL A 188 3.18 44.75 -23.83
N ASN A 189 4.15 43.99 -23.31
CA ASN A 189 4.76 42.92 -24.12
C ASN A 189 3.65 41.96 -24.52
N ILE A 190 3.58 41.55 -25.78
CA ILE A 190 2.51 40.66 -26.21
C ILE A 190 2.95 39.33 -26.82
N ILE A 191 2.56 38.24 -26.17
CA ILE A 191 2.86 36.90 -26.66
C ILE A 191 1.76 36.55 -27.63
N GLY A 192 2.10 36.46 -28.92
CA GLY A 192 1.10 36.19 -29.95
C GLY A 192 0.74 34.72 -30.09
N ARG A 193 -0.33 34.43 -30.82
CA ARG A 193 -0.78 33.04 -31.04
C ARG A 193 0.34 32.28 -31.78
N ASN A 194 1.17 32.99 -32.53
CA ASN A 194 2.27 32.34 -33.29
C ASN A 194 3.20 31.62 -32.32
N LEU A 195 3.59 32.30 -31.23
CA LEU A 195 4.44 31.65 -30.19
C LEU A 195 3.57 30.78 -29.27
N LEU A 196 2.28 31.14 -29.13
CA LEU A 196 1.35 30.34 -28.29
C LEU A 196 1.21 28.94 -28.88
N THR A 197 1.15 28.82 -30.21
CA THR A 197 1.03 27.51 -30.89
C THR A 197 2.35 26.73 -30.77
N GLN A 198 3.48 27.42 -30.66
CA GLN A 198 4.76 26.70 -30.40
C GLN A 198 4.63 26.01 -29.05
N ILE A 199 4.05 26.71 -28.06
CA ILE A 199 3.79 26.07 -26.74
C ILE A 199 2.45 25.33 -26.90
N GLY A 200 1.89 24.77 -25.83
CA GLY A 200 0.63 24.02 -25.98
C GLY A 200 -0.55 24.82 -25.45
N CYS A 201 -0.36 26.11 -25.15
CA CYS A 201 -1.44 26.87 -24.49
C CYS A 201 -2.75 26.81 -25.29
N THR A 202 -3.85 26.46 -24.61
CA THR A 202 -5.18 26.35 -25.27
C THR A 202 -6.21 27.04 -24.37
N LEU A 203 -7.38 27.36 -24.92
CA LEU A 203 -8.42 28.05 -24.12
C LEU A 203 -9.49 27.04 -23.69
N ASN A 204 -9.54 26.76 -22.38
CA ASN A 204 -10.62 25.97 -21.79
C ASN A 204 -11.70 27.04 -21.53
N PHE A 205 -12.97 26.69 -21.70
CA PHE A 205 -14.08 27.66 -21.56
C PHE A 205 -14.94 27.18 -20.39
N PRO A 206 -16.04 27.91 -20.11
CA PRO A 206 -16.88 27.72 -18.92
C PRO A 206 -17.37 26.31 -18.63
N ILE A 207 -17.27 25.90 -17.37
CA ILE A 207 -17.76 24.60 -16.98
C ILE A 207 -19.29 24.72 -16.93
N SER A 208 -19.97 23.58 -16.91
CA SER A 208 -21.43 23.62 -16.85
C SER A 208 -21.87 23.71 -15.40
N PRO A 209 -22.64 22.71 -14.95
CA PRO A 209 -23.06 22.73 -13.55
C PRO A 209 -22.05 22.06 -12.63
N ILE A 210 -22.16 20.74 -12.48
CA ILE A 210 -21.27 19.99 -11.61
C ILE A 210 -20.23 19.21 -12.42
N GLU A 211 -19.51 18.32 -11.74
CA GLU A 211 -18.48 17.51 -12.39
C GLU A 211 -18.84 16.03 -12.37
N THR A 212 -18.43 15.32 -13.41
CA THR A 212 -18.70 13.90 -13.53
C THR A 212 -17.39 13.13 -13.51
N VAL A 213 -17.29 12.18 -12.59
CA VAL A 213 -16.09 11.34 -12.50
C VAL A 213 -16.08 10.38 -13.67
N PRO A 214 -15.04 10.41 -14.51
CA PRO A 214 -15.01 9.52 -15.67
C PRO A 214 -14.98 8.05 -15.26
N VAL A 215 -15.70 7.23 -16.01
CA VAL A 215 -15.84 5.80 -15.73
C VAL A 215 -15.82 5.05 -17.05
N LYS A 216 -15.15 3.89 -17.05
CA LYS A 216 -15.00 3.08 -18.24
C LYS A 216 -15.20 1.61 -17.89
N LEU A 217 -15.36 0.80 -18.94
CA LEU A 217 -15.62 -0.62 -18.79
C LEU A 217 -14.31 -1.38 -18.63
N LYS A 218 -14.43 -2.64 -18.24
CA LYS A 218 -13.27 -3.52 -18.27
C LYS A 218 -12.92 -3.84 -19.73
N PRO A 219 -11.64 -4.06 -20.02
CA PRO A 219 -11.23 -4.23 -21.41
C PRO A 219 -11.80 -5.49 -22.04
N GLY A 220 -11.97 -5.44 -23.36
CA GLY A 220 -12.38 -6.59 -24.12
C GLY A 220 -13.78 -7.06 -23.76
N MET A 221 -14.69 -6.12 -23.55
CA MET A 221 -16.07 -6.44 -23.22
C MET A 221 -16.99 -5.48 -23.95
N ASP A 222 -18.10 -6.00 -24.46
CA ASP A 222 -19.05 -5.20 -25.23
C ASP A 222 -20.47 -5.51 -24.82
N GLY A 223 -20.69 -5.82 -23.54
CA GLY A 223 -22.03 -6.03 -23.04
C GLY A 223 -22.63 -4.74 -22.52
N PRO A 224 -23.71 -4.85 -21.74
CA PRO A 224 -24.40 -6.10 -21.43
C PRO A 224 -25.60 -6.32 -22.33
N LYS A 225 -26.20 -7.52 -22.27
CA LYS A 225 -27.42 -7.82 -23.01
C LYS A 225 -28.07 -9.04 -22.36
N VAL A 226 -29.24 -8.83 -21.75
CA VAL A 226 -30.05 -9.93 -21.25
C VAL A 226 -31.52 -9.62 -21.53
N LYS A 227 -32.21 -10.53 -22.22
CA LYS A 227 -33.61 -10.32 -22.52
C LYS A 227 -34.39 -10.29 -21.23
N GLN A 228 -35.12 -9.20 -21.00
CA GLN A 228 -35.95 -9.12 -19.82
C GLN A 228 -37.13 -10.08 -19.96
N TRP A 229 -37.28 -10.98 -19.00
CA TRP A 229 -38.36 -11.94 -19.06
C TRP A 229 -39.67 -11.16 -18.98
N PRO A 230 -40.47 -11.15 -20.03
CA PRO A 230 -41.56 -10.16 -20.11
C PRO A 230 -42.51 -10.24 -18.93
N LEU A 231 -42.91 -9.06 -18.44
CA LEU A 231 -43.76 -8.88 -17.27
C LEU A 231 -45.23 -8.83 -17.69
N THR A 232 -46.09 -8.47 -16.75
CA THR A 232 -47.52 -8.40 -17.00
C THR A 232 -48.04 -6.99 -16.76
N GLU A 233 -49.25 -6.73 -17.29
CA GLU A 233 -49.75 -5.36 -17.40
C GLU A 233 -50.02 -4.70 -16.05
N GLU A 234 -50.51 -5.46 -15.06
CA GLU A 234 -50.85 -4.85 -13.78
C GLU A 234 -49.65 -4.18 -13.13
N LYS A 235 -48.51 -4.85 -13.12
CA LYS A 235 -47.29 -4.24 -12.65
C LYS A 235 -46.70 -3.27 -13.67
N ILE A 236 -46.91 -3.51 -14.96
CA ILE A 236 -46.38 -2.60 -15.96
C ILE A 236 -46.95 -1.21 -15.77
N LYS A 237 -48.19 -1.12 -15.31
CA LYS A 237 -48.75 0.18 -14.99
C LYS A 237 -47.90 0.88 -13.93
N ALA A 238 -47.47 0.14 -12.91
CA ALA A 238 -46.61 0.73 -11.90
C ALA A 238 -45.28 1.18 -12.49
N LEU A 239 -44.72 0.38 -13.39
CA LEU A 239 -43.46 0.76 -14.02
C LEU A 239 -43.61 2.06 -14.82
N VAL A 240 -44.70 2.17 -15.57
CA VAL A 240 -44.95 3.39 -16.32
C VAL A 240 -45.10 4.58 -15.40
N GLU A 241 -45.87 4.40 -14.32
CA GLU A 241 -46.11 5.51 -13.40
C GLU A 241 -44.80 6.00 -12.80
N ILE A 242 -43.94 5.07 -12.40
CA ILE A 242 -42.63 5.49 -11.91
C ILE A 242 -41.87 6.23 -13.00
N CYS A 243 -41.89 5.69 -14.22
CA CYS A 243 -41.03 6.22 -15.27
C CYS A 243 -41.39 7.64 -15.61
N THR A 244 -42.69 7.95 -15.70
CA THR A 244 -43.06 9.28 -16.15
C THR A 244 -42.54 10.35 -15.19
N GLU A 245 -42.76 10.14 -13.90
CA GLU A 245 -42.31 11.11 -12.91
C GLU A 245 -40.80 11.12 -12.82
N MET A 246 -40.17 9.96 -12.99
CA MET A 246 -38.72 9.94 -12.94
C MET A 246 -38.13 10.76 -14.06
N GLU A 247 -38.75 10.70 -15.23
CA GLU A 247 -38.26 11.49 -16.36
C GLU A 247 -38.48 12.97 -16.11
N LYS A 248 -39.70 13.35 -15.74
CA LYS A 248 -39.94 14.77 -15.59
C LYS A 248 -39.04 15.37 -14.53
N GLU A 249 -38.48 14.54 -13.66
CA GLU A 249 -37.46 14.99 -12.73
C GLU A 249 -36.09 15.10 -13.38
N GLY A 250 -35.99 14.84 -14.68
CA GLY A 250 -34.70 14.91 -15.35
C GLY A 250 -33.73 13.84 -14.89
N LYS A 251 -34.24 12.66 -14.58
CA LYS A 251 -33.43 11.56 -14.05
C LYS A 251 -33.14 10.51 -15.11
N ILE A 252 -34.17 9.97 -15.73
CA ILE A 252 -34.06 8.89 -16.70
C ILE A 252 -34.65 9.37 -18.01
N SER A 253 -33.92 9.16 -19.11
CA SER A 253 -34.30 9.70 -20.40
C SER A 253 -34.56 8.58 -21.39
N LYS A 254 -35.54 8.79 -22.25
CA LYS A 254 -35.93 7.78 -23.22
C LYS A 254 -34.92 7.77 -24.35
N ILE A 255 -33.99 6.83 -24.32
CA ILE A 255 -32.95 6.82 -25.34
C ILE A 255 -33.56 6.55 -26.70
N GLY A 256 -32.71 6.72 -27.72
CA GLY A 256 -33.04 6.34 -29.08
C GLY A 256 -32.91 4.85 -29.31
N PRO A 257 -33.77 4.31 -30.19
CA PRO A 257 -33.82 2.85 -30.37
C PRO A 257 -32.53 2.27 -30.90
N GLU A 258 -31.56 3.10 -31.26
CA GLU A 258 -30.27 2.61 -31.71
C GLU A 258 -29.46 1.95 -30.59
N ASN A 259 -29.72 2.29 -29.35
CA ASN A 259 -29.03 1.62 -28.24
C ASN A 259 -29.53 0.18 -28.14
N PRO A 260 -28.65 -0.82 -28.17
CA PRO A 260 -29.08 -2.21 -28.34
C PRO A 260 -29.19 -3.03 -27.06
N TYR A 261 -29.05 -2.45 -25.88
CA TYR A 261 -28.94 -3.26 -24.67
C TYR A 261 -30.20 -3.16 -23.82
N ASN A 262 -30.35 -4.11 -22.91
CA ASN A 262 -31.49 -4.17 -21.99
C ASN A 262 -31.10 -4.92 -20.73
N THR A 263 -31.79 -4.60 -19.64
CA THR A 263 -31.62 -5.22 -18.31
C THR A 263 -32.98 -5.35 -17.65
N PRO A 264 -33.16 -6.31 -16.75
CA PRO A 264 -34.50 -6.57 -16.21
C PRO A 264 -34.90 -5.56 -15.15
N VAL A 265 -36.20 -5.40 -14.99
CA VAL A 265 -36.79 -4.61 -13.91
C VAL A 265 -37.88 -5.45 -13.25
N PHE A 266 -37.88 -5.43 -11.93
CA PHE A 266 -38.90 -6.11 -11.15
C PHE A 266 -39.61 -5.08 -10.27
N ALA A 267 -40.69 -5.52 -9.62
CA ALA A 267 -41.47 -4.64 -8.76
C ALA A 267 -41.56 -5.25 -7.37
N ILE A 268 -41.25 -4.45 -6.36
CA ILE A 268 -41.15 -4.94 -4.99
C ILE A 268 -41.95 -4.04 -4.07
N LYS A 269 -42.64 -4.65 -3.10
CA LYS A 269 -43.52 -3.89 -2.22
C LYS A 269 -42.74 -2.96 -1.31
N LYS A 270 -41.44 -3.20 -1.14
CA LYS A 270 -40.58 -2.53 -0.18
C LYS A 270 -40.99 -2.83 1.27
N LYS A 271 -41.77 -3.88 1.50
CA LYS A 271 -42.18 -4.26 2.83
C LYS A 271 -42.32 -5.77 2.89
N ASP A 272 -42.17 -6.33 4.09
CA ASP A 272 -42.28 -7.76 4.29
C ASP A 272 -43.55 -8.12 5.05
N LYS A 275 -44.64 -0.39 -2.48
CA LYS A 275 -45.59 -1.22 -3.22
C LYS A 275 -45.29 -1.13 -4.71
N TRP A 276 -44.53 -2.12 -5.20
CA TRP A 276 -43.94 -2.13 -6.54
C TRP A 276 -42.86 -1.05 -6.68
N ARG A 277 -41.89 -1.10 -5.77
CA ARG A 277 -40.71 -0.26 -5.91
C ARG A 277 -39.86 -0.74 -7.07
N LYS A 278 -39.29 0.21 -7.82
CA LYS A 278 -38.50 -0.14 -8.98
C LYS A 278 -37.16 -0.72 -8.58
N LEU A 279 -36.74 -1.73 -9.33
CA LEU A 279 -35.42 -2.33 -9.14
C LEU A 279 -34.93 -2.82 -10.49
N VAL A 280 -33.67 -2.56 -10.79
CA VAL A 280 -33.05 -3.04 -12.01
C VAL A 280 -31.91 -3.95 -11.62
N ASP A 281 -31.93 -5.18 -12.15
CA ASP A 281 -30.92 -6.17 -11.83
C ASP A 281 -29.68 -5.90 -12.66
N PHE A 282 -28.61 -5.47 -12.00
CA PHE A 282 -27.35 -5.16 -12.66
C PHE A 282 -26.33 -6.25 -12.40
N ARG A 283 -26.81 -7.49 -12.25
CA ARG A 283 -25.90 -8.61 -11.97
C ARG A 283 -24.92 -8.80 -13.11
N GLU A 284 -25.39 -8.75 -14.35
CA GLU A 284 -24.46 -8.93 -15.47
C GLU A 284 -23.73 -7.63 -15.77
N LEU A 285 -24.33 -6.48 -15.44
CA LEU A 285 -23.65 -5.21 -15.67
C LEU A 285 -22.40 -5.09 -14.82
N ASN A 286 -22.47 -5.55 -13.57
CA ASN A 286 -21.33 -5.41 -12.68
C ASN A 286 -20.12 -6.19 -13.16
N LYS A 287 -20.31 -7.18 -14.03
CA LYS A 287 -19.20 -8.02 -14.43
C LYS A 287 -18.25 -7.32 -15.39
N ARG A 288 -18.65 -6.19 -15.96
CA ARG A 288 -17.80 -5.49 -16.91
C ARG A 288 -17.28 -4.15 -16.40
N THR A 289 -17.77 -3.65 -15.28
CA THR A 289 -17.34 -2.35 -14.81
C THR A 289 -15.88 -2.41 -14.35
N GLN A 290 -15.17 -1.32 -14.60
CA GLN A 290 -13.78 -1.22 -14.18
C GLN A 290 -13.71 -1.22 -12.66
N ASP A 291 -12.63 -1.79 -12.14
CA ASP A 291 -12.47 -1.86 -10.70
C ASP A 291 -12.39 -0.45 -10.12
N PHE A 292 -12.84 -0.30 -8.88
CA PHE A 292 -12.70 0.95 -8.16
C PHE A 292 -12.24 0.67 -6.73
N TRP A 293 -11.72 1.69 -6.07
CA TRP A 293 -11.25 1.54 -4.70
C TRP A 293 -12.43 1.39 -3.76
N GLU A 294 -12.56 0.22 -3.14
CA GLU A 294 -13.63 0.00 -2.19
C GLU A 294 -13.06 -0.42 -0.83
N GLY A 298 -12.14 -0.55 5.67
CA GLY A 298 -12.64 -0.84 7.00
C GLY A 298 -14.01 -0.25 7.28
N ILE A 299 -14.42 -0.30 8.54
CA ILE A 299 -15.69 0.27 8.97
C ILE A 299 -15.45 1.08 10.23
N PRO A 300 -16.06 2.26 10.38
CA PRO A 300 -15.85 3.04 11.60
C PRO A 300 -16.47 2.42 12.83
N HIS A 301 -15.63 2.03 13.77
CA HIS A 301 -16.11 1.39 14.98
C HIS A 301 -16.68 2.44 15.93
N PRO A 302 -17.70 2.07 16.72
CA PRO A 302 -18.20 3.02 17.72
C PRO A 302 -17.16 3.43 18.71
N ALA A 303 -16.18 2.57 18.98
CA ALA A 303 -15.17 2.88 19.98
C ALA A 303 -14.33 4.09 19.60
N GLY A 304 -14.38 4.54 18.35
CA GLY A 304 -13.50 5.59 17.91
C GLY A 304 -14.20 6.89 17.63
N LEU A 305 -15.19 7.23 18.46
CA LEU A 305 -15.88 8.51 18.37
C LEU A 305 -15.53 9.34 19.59
N LYS A 306 -14.90 10.49 19.38
CA LYS A 306 -14.56 11.35 20.49
C LYS A 306 -15.82 11.98 21.06
N LYS A 307 -15.74 12.43 22.32
CA LYS A 307 -16.89 13.08 22.93
C LYS A 307 -17.16 14.41 22.25
N LYS A 308 -18.42 14.65 21.91
CA LYS A 308 -18.85 15.92 21.36
C LYS A 308 -20.19 16.29 21.97
N LYS A 309 -20.25 17.43 22.65
CA LYS A 309 -21.39 17.75 23.49
C LYS A 309 -22.64 18.09 22.68
N SER A 310 -22.49 18.40 21.40
CA SER A 310 -23.61 18.64 20.51
C SER A 310 -23.44 17.74 19.29
N VAL A 311 -24.45 16.92 19.02
CA VAL A 311 -24.36 15.91 17.98
C VAL A 311 -25.67 15.86 17.22
N THR A 312 -25.60 15.79 15.91
CA THR A 312 -26.76 15.45 15.10
C THR A 312 -26.33 14.59 13.94
N VAL A 313 -27.27 13.81 13.42
CA VAL A 313 -27.04 12.92 12.29
C VAL A 313 -28.04 13.27 11.21
N LEU A 314 -27.55 13.69 10.07
CA LEU A 314 -28.39 14.08 8.94
C LEU A 314 -28.34 12.99 7.88
N ASP A 315 -29.50 12.66 7.33
CA ASP A 315 -29.59 11.68 6.25
C ASP A 315 -29.84 12.42 4.94
N VAL A 316 -29.11 12.04 3.91
CA VAL A 316 -29.27 12.66 2.60
C VAL A 316 -30.48 12.06 1.91
N GLY A 317 -31.32 12.91 1.33
CA GLY A 317 -32.58 12.47 0.75
C GLY A 317 -32.42 11.75 -0.57
N ASP A 318 -31.88 10.54 -0.52
CA ASP A 318 -31.58 9.73 -1.70
C ASP A 318 -30.61 10.48 -2.60
N ALA A 319 -29.48 10.87 -2.02
CA ALA A 319 -28.53 11.73 -2.70
C ALA A 319 -27.93 11.07 -3.94
N TYR A 320 -28.07 9.76 -4.08
CA TYR A 320 -27.62 9.12 -5.32
C TYR A 320 -28.37 9.69 -6.52
N PHE A 321 -29.59 10.14 -6.31
CA PHE A 321 -30.36 10.80 -7.35
C PHE A 321 -29.97 12.25 -7.51
N SER A 322 -28.84 12.67 -6.94
CA SER A 322 -28.36 14.03 -7.11
C SER A 322 -26.96 14.12 -7.72
N VAL A 323 -26.19 13.05 -7.74
CA VAL A 323 -24.83 13.08 -8.26
C VAL A 323 -24.86 12.49 -9.67
N PRO A 324 -24.56 13.25 -10.71
CA PRO A 324 -24.76 12.74 -12.07
C PRO A 324 -23.83 11.59 -12.38
N LEU A 325 -24.35 10.66 -13.17
CA LEU A 325 -23.57 9.57 -13.72
C LEU A 325 -22.95 10.01 -15.04
N ASP A 326 -22.00 9.23 -15.51
CA ASP A 326 -21.38 9.54 -16.79
C ASP A 326 -22.42 9.52 -17.89
N GLU A 327 -22.53 10.64 -18.61
CA GLU A 327 -23.44 10.71 -19.74
C GLU A 327 -22.98 9.80 -20.86
N ASP A 328 -21.67 9.56 -20.96
CA ASP A 328 -21.13 8.68 -21.98
C ASP A 328 -21.27 7.21 -21.63
N PHE A 329 -21.46 6.89 -20.36
CA PHE A 329 -21.67 5.52 -19.92
C PHE A 329 -23.13 5.13 -19.86
N ARG A 330 -24.04 6.10 -20.04
CA ARG A 330 -25.46 5.82 -19.89
C ARG A 330 -25.94 4.80 -20.91
N LYS A 331 -25.18 4.57 -21.97
CA LYS A 331 -25.58 3.61 -22.98
C LYS A 331 -25.67 2.21 -22.44
N TYR A 332 -25.10 1.93 -21.27
CA TYR A 332 -25.00 0.57 -20.77
C TYR A 332 -26.00 0.24 -19.67
N THR A 333 -27.00 1.08 -19.44
CA THR A 333 -27.96 0.89 -18.36
C THR A 333 -29.37 1.15 -18.83
N ALA A 334 -29.76 0.55 -19.95
CA ALA A 334 -31.10 0.76 -20.49
C ALA A 334 -32.16 0.15 -19.59
N PHE A 335 -33.41 0.35 -19.98
CA PHE A 335 -34.54 0.10 -19.08
C PHE A 335 -35.79 -0.06 -19.96
N THR A 336 -36.24 -1.31 -20.15
CA THR A 336 -37.37 -1.60 -21.03
C THR A 336 -38.58 -2.06 -20.23
N ILE A 337 -39.76 -1.72 -20.71
CA ILE A 337 -41.02 -2.09 -20.09
C ILE A 337 -41.86 -2.84 -21.11
N PRO A 338 -41.94 -4.16 -21.01
CA PRO A 338 -42.53 -5.02 -22.05
C PRO A 338 -44.04 -5.01 -22.14
N ILE A 347 -40.24 1.20 -25.25
CA ILE A 347 -40.19 2.17 -24.17
C ILE A 347 -38.87 2.04 -23.44
N ARG A 348 -37.76 2.04 -24.16
CA ARG A 348 -36.44 1.96 -23.56
C ARG A 348 -36.09 3.29 -22.92
N TYR A 349 -35.51 3.22 -21.74
CA TYR A 349 -35.16 4.39 -20.94
C TYR A 349 -33.66 4.37 -20.69
N GLN A 350 -33.18 5.30 -19.86
CA GLN A 350 -31.75 5.32 -19.55
C GLN A 350 -31.49 6.13 -18.29
N TYR A 351 -30.68 5.55 -17.40
CA TYR A 351 -30.27 6.25 -16.19
C TYR A 351 -29.32 7.37 -16.56
N ASN A 352 -29.46 8.52 -15.91
CA ASN A 352 -28.47 9.57 -16.03
C ASN A 352 -27.82 9.92 -14.70
N VAL A 353 -28.31 9.39 -13.59
CA VAL A 353 -27.67 9.58 -12.30
C VAL A 353 -27.29 8.19 -11.82
N LEU A 354 -26.73 8.11 -10.64
CA LEU A 354 -26.24 6.83 -10.16
C LEU A 354 -27.38 5.83 -10.05
N PRO A 355 -27.19 4.58 -10.46
CA PRO A 355 -28.20 3.56 -10.21
C PRO A 355 -28.41 3.34 -8.73
N GLN A 356 -29.64 2.97 -8.38
CA GLN A 356 -29.98 2.76 -6.98
C GLN A 356 -29.47 1.44 -6.44
N GLY A 357 -28.83 0.63 -7.27
CA GLY A 357 -28.31 -0.64 -6.81
C GLY A 357 -26.99 -1.04 -7.42
N TRP A 358 -26.37 -0.13 -8.17
CA TRP A 358 -25.08 -0.43 -8.77
C TRP A 358 -24.01 -0.47 -7.70
N LYS A 359 -23.22 -1.54 -7.69
CA LYS A 359 -22.10 -1.64 -6.76
C LYS A 359 -21.02 -0.61 -7.06
N GLY A 360 -21.03 -0.04 -8.26
CA GLY A 360 -20.13 1.07 -8.53
C GLY A 360 -20.59 2.39 -7.94
N SER A 361 -21.88 2.51 -7.65
CA SER A 361 -22.41 3.77 -7.13
C SER A 361 -21.80 4.21 -5.81
N PRO A 362 -21.59 3.34 -4.82
CA PRO A 362 -21.11 3.85 -3.53
C PRO A 362 -19.82 4.63 -3.63
N ALA A 363 -18.89 4.18 -4.47
CA ALA A 363 -17.59 4.85 -4.54
C ALA A 363 -17.72 6.27 -5.09
N ILE A 364 -18.41 6.42 -6.22
CA ILE A 364 -18.55 7.74 -6.80
C ILE A 364 -19.40 8.62 -5.91
N PHE A 365 -20.40 8.05 -5.24
CA PHE A 365 -21.18 8.84 -4.30
C PHE A 365 -20.29 9.38 -3.19
N GLN A 366 -19.44 8.53 -2.61
CA GLN A 366 -18.58 8.99 -1.55
C GLN A 366 -17.65 10.07 -2.05
N SER A 367 -17.09 9.88 -3.25
CA SER A 367 -16.18 10.87 -3.79
C SER A 367 -16.88 12.21 -3.96
N SER A 368 -18.08 12.21 -4.51
CA SER A 368 -18.79 13.46 -4.71
C SER A 368 -19.09 14.12 -3.39
N MET A 369 -19.48 13.33 -2.40
CA MET A 369 -19.77 13.90 -1.09
C MET A 369 -18.53 14.56 -0.52
N THR A 370 -17.38 13.93 -0.68
CA THR A 370 -16.13 14.52 -0.20
C THR A 370 -15.86 15.84 -0.88
N LYS A 371 -15.93 15.85 -2.21
CA LYS A 371 -15.60 17.06 -2.93
C LYS A 371 -16.55 18.19 -2.58
N ILE A 372 -17.82 17.87 -2.34
CA ILE A 372 -18.75 18.94 -2.00
C ILE A 372 -18.61 19.37 -0.57
N LEU A 373 -18.15 18.50 0.32
CA LEU A 373 -18.02 18.88 1.72
C LEU A 373 -16.73 19.61 2.03
N GLU A 374 -15.69 19.43 1.20
CA GLU A 374 -14.40 20.04 1.51
C GLU A 374 -14.47 21.52 1.83
N PRO A 375 -15.19 22.37 1.08
CA PRO A 375 -15.17 23.79 1.42
C PRO A 375 -15.84 24.11 2.75
N PHE A 376 -16.99 23.51 3.01
CA PHE A 376 -17.68 23.76 4.27
C PHE A 376 -16.84 23.30 5.45
N LYS A 377 -16.19 22.14 5.32
CA LYS A 377 -15.27 21.71 6.37
C LYS A 377 -14.12 22.69 6.51
N LYS A 378 -13.59 23.17 5.39
CA LYS A 378 -12.47 24.10 5.42
C LYS A 378 -12.83 25.35 6.21
N GLN A 379 -13.98 25.93 5.92
CA GLN A 379 -14.37 27.14 6.62
C GLN A 379 -14.83 26.88 8.05
N ASN A 380 -14.93 25.62 8.47
CA ASN A 380 -15.23 25.29 9.86
C ASN A 380 -14.33 24.16 10.32
N PRO A 381 -13.18 24.48 10.90
CA PRO A 381 -12.26 23.41 11.33
C PRO A 381 -12.75 22.69 12.57
N ASP A 382 -13.53 23.40 13.39
CA ASP A 382 -13.95 22.85 14.66
C ASP A 382 -14.84 21.63 14.48
N ILE A 383 -15.81 21.71 13.57
CA ILE A 383 -16.78 20.65 13.45
C ILE A 383 -16.12 19.41 12.87
N VAL A 384 -16.75 18.26 13.10
CA VAL A 384 -16.26 16.99 12.59
C VAL A 384 -17.41 16.33 11.87
N ILE A 385 -17.20 15.94 10.62
CA ILE A 385 -18.27 15.45 9.77
C ILE A 385 -17.87 14.10 9.20
N TYR A 386 -18.69 13.10 9.47
CA TYR A 386 -18.54 11.75 8.95
C TYR A 386 -19.65 11.50 7.95
N GLN A 387 -19.44 10.50 7.10
CA GLN A 387 -20.50 10.08 6.18
C GLN A 387 -20.18 8.68 5.69
N TYR A 388 -21.11 7.76 5.84
CA TYR A 388 -20.85 6.39 5.43
C TYR A 388 -21.71 5.96 4.25
N MET A 389 -23.02 5.95 4.40
CA MET A 389 -23.90 5.59 3.30
C MET A 389 -24.92 6.67 3.00
N ASP A 390 -25.71 7.05 3.98
CA ASP A 390 -26.62 8.18 3.84
C ASP A 390 -26.60 9.09 5.03
N ASP A 391 -25.93 8.73 6.12
CA ASP A 391 -25.89 9.56 7.32
C ASP A 391 -24.72 10.53 7.22
N LEU A 392 -24.93 11.73 7.71
CA LEU A 392 -23.84 12.70 7.87
C LEU A 392 -23.67 12.98 9.36
N TYR A 393 -22.77 12.24 9.99
CA TYR A 393 -22.51 12.45 11.42
C TYR A 393 -21.78 13.77 11.60
N VAL A 394 -22.51 14.79 12.02
CA VAL A 394 -21.93 16.08 12.33
C VAL A 394 -21.87 16.20 13.84
N GLY A 395 -20.72 16.60 14.36
CA GLY A 395 -20.58 16.81 15.78
C GLY A 395 -19.76 18.05 16.04
N SER A 396 -20.04 18.68 17.17
CA SER A 396 -19.29 19.86 17.58
C SER A 396 -19.47 20.04 19.08
N ASP A 397 -18.52 20.76 19.68
CA ASP A 397 -18.64 21.07 21.09
C ASP A 397 -19.41 22.34 21.33
N LEU A 398 -19.87 23.01 20.29
CA LEU A 398 -20.62 24.25 20.46
C LEU A 398 -21.93 23.96 21.14
N GLU A 399 -22.56 25.02 21.64
CA GLU A 399 -23.84 24.86 22.32
C GLU A 399 -24.92 24.50 21.31
N ILE A 400 -25.98 23.85 21.82
CA ILE A 400 -27.07 23.42 20.95
C ILE A 400 -27.71 24.62 20.27
N GLY A 401 -27.89 25.72 21.01
CA GLY A 401 -28.41 26.93 20.41
C GLY A 401 -27.54 27.40 19.26
N GLN A 402 -26.23 27.33 19.42
CA GLN A 402 -25.32 27.63 18.34
C GLN A 402 -25.25 26.53 17.32
N HIS A 403 -25.29 25.27 17.76
CA HIS A 403 -25.06 24.18 16.83
C HIS A 403 -26.19 24.03 15.84
N ARG A 404 -27.42 24.30 16.27
CA ARG A 404 -28.51 24.22 15.30
C ARG A 404 -28.33 25.26 14.20
N THR A 405 -27.89 26.46 14.55
CA THR A 405 -27.67 27.47 13.53
C THR A 405 -26.55 27.07 12.60
N LYS A 406 -25.47 26.53 13.15
CA LYS A 406 -24.38 26.08 12.28
C LYS A 406 -24.84 24.92 11.39
N ILE A 407 -25.68 24.03 11.93
CA ILE A 407 -26.16 22.91 11.13
C ILE A 407 -27.13 23.41 10.07
N GLU A 408 -27.85 24.49 10.35
CA GLU A 408 -28.69 25.10 9.31
C GLU A 408 -27.82 25.63 8.19
N GLU A 409 -26.70 26.26 8.54
CA GLU A 409 -25.76 26.65 7.51
C GLU A 409 -25.31 25.44 6.72
N LEU A 410 -25.05 24.32 7.40
CA LEU A 410 -24.63 23.12 6.71
C LEU A 410 -25.69 22.65 5.72
N ARG A 411 -26.94 22.65 6.14
CA ARG A 411 -28.00 22.16 5.27
C ARG A 411 -28.17 23.06 4.05
N GLN A 412 -28.13 24.37 4.24
CA GLN A 412 -28.26 25.25 3.10
C GLN A 412 -27.12 25.05 2.11
N HIS A 413 -25.90 24.92 2.62
CA HIS A 413 -24.78 24.66 1.72
C HIS A 413 -24.96 23.33 1.02
N LEU A 414 -25.49 22.33 1.71
CA LEU A 414 -25.71 21.05 1.06
C LEU A 414 -26.72 21.18 -0.07
N LEU A 415 -27.79 21.92 0.14
CA LEU A 415 -28.76 22.15 -0.93
C LEU A 415 -28.16 22.92 -2.10
N ARG A 416 -27.16 23.74 -1.84
CA ARG A 416 -26.59 24.54 -2.93
C ARG A 416 -26.16 23.68 -4.11
N TRP A 417 -25.53 22.55 -3.83
CA TRP A 417 -25.02 21.70 -4.89
C TRP A 417 -26.04 20.71 -5.40
N GLY A 418 -27.33 21.00 -5.24
CA GLY A 418 -28.37 20.14 -5.75
C GLY A 418 -28.75 19.01 -4.84
N LEU A 419 -28.01 18.81 -3.75
CA LEU A 419 -28.39 17.79 -2.78
C LEU A 419 -29.60 18.25 -2.01
N THR A 420 -30.48 17.30 -1.69
CA THR A 420 -31.70 17.58 -0.95
C THR A 420 -31.63 16.92 0.42
N THR A 421 -31.95 17.69 1.46
CA THR A 421 -31.98 17.17 2.81
C THR A 421 -33.41 17.06 3.28
N PRO A 422 -33.89 15.86 3.63
CA PRO A 422 -35.30 15.71 3.99
C PRO A 422 -35.67 16.58 5.17
N ASP A 423 -36.93 17.01 5.18
CA ASP A 423 -37.44 17.97 6.15
C ASP A 423 -36.70 19.29 6.00
N GLU A 429 -33.29 15.11 21.11
CA GLU A 429 -33.33 13.71 20.70
C GLU A 429 -32.16 12.94 21.30
N PRO A 430 -32.30 12.51 22.55
CA PRO A 430 -31.20 11.84 23.25
C PRO A 430 -30.67 10.63 22.49
N PRO A 431 -31.52 9.81 21.87
CA PRO A 431 -30.98 8.76 21.00
C PRO A 431 -30.54 9.31 19.66
N PHE A 432 -29.60 8.61 19.03
CA PHE A 432 -29.19 8.86 17.67
C PHE A 432 -28.80 7.53 17.05
N LEU A 433 -29.29 7.28 15.84
CA LEU A 433 -29.02 6.03 15.14
C LEU A 433 -28.07 6.33 13.98
N TRP A 434 -26.80 6.01 14.17
CA TRP A 434 -25.77 6.37 13.20
C TRP A 434 -25.04 5.11 12.78
N MET A 435 -25.20 4.74 11.51
CA MET A 435 -24.54 3.56 10.95
C MET A 435 -24.90 2.31 11.74
N GLY A 436 -26.10 2.28 12.30
CA GLY A 436 -26.53 1.17 13.10
C GLY A 436 -26.03 1.19 14.52
N TYR A 437 -25.24 2.19 14.91
CA TYR A 437 -24.81 2.37 16.29
C TYR A 437 -25.71 3.41 16.94
N GLU A 438 -26.18 3.14 18.14
CA GLU A 438 -27.02 4.09 18.85
C GLU A 438 -26.15 4.96 19.72
N LEU A 439 -26.01 6.24 19.35
CA LEU A 439 -25.16 7.19 20.12
C LEU A 439 -25.93 7.70 21.33
N HIS A 440 -25.30 7.74 22.51
CA HIS A 440 -26.00 8.16 23.76
C HIS A 440 -25.15 9.17 24.53
N PRO A 441 -25.74 10.07 25.34
CA PRO A 441 -25.01 11.13 26.08
C PRO A 441 -23.63 10.81 26.67
N ASP A 442 -23.36 9.54 27.03
CA ASP A 442 -22.05 9.12 27.63
C ASP A 442 -21.72 7.65 27.31
N LYS A 443 -22.55 6.97 26.55
CA LYS A 443 -22.31 5.53 26.26
C LYS A 443 -22.68 5.24 24.82
N TRP A 444 -22.31 4.06 24.32
CA TRP A 444 -22.77 3.68 22.96
C TRP A 444 -23.21 2.22 22.97
N THR A 445 -24.11 1.84 22.06
CA THR A 445 -24.58 0.45 21.98
C THR A 445 -24.97 0.14 20.53
N VAL A 446 -25.31 -1.12 20.23
CA VAL A 446 -25.72 -1.51 18.90
C VAL A 446 -27.19 -1.86 18.94
N GLN A 447 -27.98 -1.20 18.10
CA GLN A 447 -29.37 -1.56 17.98
C GLN A 447 -29.46 -3.03 17.62
N PRO A 448 -30.18 -3.84 18.39
CA PRO A 448 -30.21 -5.28 18.14
C PRO A 448 -30.58 -5.59 16.70
N ILE A 449 -29.76 -6.41 16.05
CA ILE A 449 -29.88 -6.70 14.63
C ILE A 449 -30.52 -8.06 14.46
N VAL A 450 -31.67 -8.10 13.78
CA VAL A 450 -32.41 -9.34 13.57
C VAL A 450 -32.86 -9.40 12.12
N LEU A 451 -33.23 -10.60 11.70
CA LEU A 451 -33.55 -10.88 10.32
C LEU A 451 -35.03 -11.21 10.16
N PRO A 452 -35.57 -11.04 8.95
CA PRO A 452 -36.88 -11.63 8.65
C PRO A 452 -36.80 -13.16 8.68
N GLU A 453 -37.91 -13.78 9.08
CA GLU A 453 -38.00 -15.22 9.24
C GLU A 453 -39.13 -15.76 8.37
N LYS A 454 -38.85 -16.80 7.59
CA LYS A 454 -39.86 -17.47 6.80
C LYS A 454 -39.36 -18.86 6.43
N ASP A 455 -40.29 -19.73 6.02
CA ASP A 455 -39.91 -21.08 5.60
C ASP A 455 -39.02 -21.04 4.36
N SER A 456 -39.41 -20.24 3.37
CA SER A 456 -38.55 -19.89 2.24
C SER A 456 -38.51 -18.38 2.12
N TRP A 457 -37.33 -17.84 1.84
CA TRP A 457 -37.14 -16.40 1.76
C TRP A 457 -37.00 -15.99 0.31
N THR A 458 -37.42 -14.75 0.01
CA THR A 458 -37.21 -14.20 -1.31
C THR A 458 -35.72 -14.12 -1.61
N VAL A 459 -35.35 -14.56 -2.81
CA VAL A 459 -33.94 -14.73 -3.14
C VAL A 459 -33.21 -13.40 -3.10
N ASN A 460 -33.81 -12.36 -3.68
CA ASN A 460 -33.14 -11.06 -3.70
C ASN A 460 -32.97 -10.53 -2.28
N ASP A 461 -33.97 -10.74 -1.42
CA ASP A 461 -33.81 -10.38 -0.02
C ASP A 461 -32.68 -11.18 0.62
N ILE A 462 -32.54 -12.45 0.25
CA ILE A 462 -31.42 -13.22 0.74
C ILE A 462 -30.11 -12.55 0.34
N GLN A 463 -30.05 -12.03 -0.88
CA GLN A 463 -28.88 -11.27 -1.30
C GLN A 463 -28.72 -10.02 -0.45
N LYS A 464 -29.81 -9.56 0.16
CA LYS A 464 -29.67 -8.46 1.13
C LYS A 464 -29.26 -8.98 2.49
N LEU A 465 -29.87 -10.06 2.97
CA LEU A 465 -29.58 -10.56 4.31
C LEU A 465 -28.13 -11.01 4.43
N VAL A 466 -27.53 -11.49 3.36
CA VAL A 466 -26.11 -11.81 3.42
C VAL A 466 -25.30 -10.55 3.71
N GLY A 467 -25.69 -9.43 3.11
CA GLY A 467 -24.98 -8.19 3.39
C GLY A 467 -25.16 -7.72 4.81
N LYS A 468 -26.38 -7.83 5.34
CA LYS A 468 -26.62 -7.44 6.72
C LYS A 468 -25.80 -8.29 7.67
N LEU A 469 -25.74 -9.59 7.43
CA LEU A 469 -24.90 -10.45 8.26
C LEU A 469 -23.43 -10.08 8.11
N ASN A 470 -23.02 -9.76 6.89
CA ASN A 470 -21.63 -9.33 6.68
C ASN A 470 -21.30 -8.12 7.53
N TRP A 471 -22.18 -7.13 7.52
CA TRP A 471 -21.99 -5.93 8.34
C TRP A 471 -21.96 -6.28 9.81
N ALA A 472 -22.85 -7.15 10.26
CA ALA A 472 -22.84 -7.57 11.66
C ALA A 472 -21.58 -8.32 12.03
N SER A 473 -20.87 -8.89 11.05
CA SER A 473 -19.62 -9.58 11.37
C SER A 473 -18.61 -8.65 12.00
N GLN A 474 -18.52 -7.42 11.52
CA GLN A 474 -17.62 -6.45 12.14
C GLN A 474 -18.07 -6.10 13.55
N ILE A 475 -19.37 -5.86 13.74
CA ILE A 475 -19.86 -5.51 15.07
C ILE A 475 -19.71 -6.69 16.02
N TYR A 476 -20.20 -7.85 15.62
CA TYR A 476 -20.19 -9.04 16.48
C TYR A 476 -19.49 -10.14 15.70
N PRO A 477 -18.45 -10.75 16.25
CA PRO A 477 -17.78 -11.84 15.55
C PRO A 477 -18.62 -13.10 15.49
N GLY A 478 -18.01 -14.19 15.03
CA GLY A 478 -18.72 -15.46 14.98
C GLY A 478 -19.83 -15.49 13.96
N ILE A 479 -19.61 -14.90 12.78
CA ILE A 479 -20.57 -14.95 11.69
C ILE A 479 -19.86 -15.51 10.48
N LYS A 480 -20.37 -16.61 9.94
CA LYS A 480 -19.90 -17.20 8.68
C LYS A 480 -21.11 -17.53 7.84
N VAL A 481 -21.12 -17.07 6.60
CA VAL A 481 -22.24 -17.35 5.70
C VAL A 481 -21.71 -17.88 4.38
N ARG A 482 -20.50 -18.43 4.41
CA ARG A 482 -19.81 -18.79 3.17
C ARG A 482 -20.61 -19.79 2.35
N GLN A 483 -21.20 -20.80 3.02
CA GLN A 483 -22.05 -21.74 2.30
C GLN A 483 -23.28 -21.03 1.74
N LEU A 484 -23.91 -20.17 2.54
CA LEU A 484 -25.09 -19.44 2.07
C LEU A 484 -24.75 -18.58 0.87
N CYS A 485 -23.56 -17.98 0.88
CA CYS A 485 -23.09 -17.21 -0.28
C CYS A 485 -22.91 -18.09 -1.50
N LYS A 486 -22.38 -19.31 -1.31
CA LYS A 486 -22.19 -20.20 -2.45
C LYS A 486 -23.54 -20.62 -3.03
N LEU A 487 -24.48 -20.97 -2.17
CA LEU A 487 -25.79 -21.39 -2.65
C LEU A 487 -26.45 -20.29 -3.47
N LEU A 488 -26.26 -19.04 -3.05
CA LEU A 488 -26.75 -17.94 -3.86
C LEU A 488 -25.97 -17.80 -5.17
N ARG A 489 -24.64 -17.81 -5.07
CA ARG A 489 -23.82 -17.45 -6.24
C ARG A 489 -23.99 -18.44 -7.37
N GLY A 490 -24.04 -19.73 -7.05
CA GLY A 490 -24.34 -20.70 -8.10
C GLY A 490 -25.69 -20.47 -8.73
N THR A 491 -26.69 -20.16 -7.91
CA THR A 491 -28.04 -19.92 -8.41
C THR A 491 -28.13 -18.57 -9.11
N LYS A 492 -28.87 -18.52 -10.21
CA LYS A 492 -29.05 -17.29 -10.96
C LYS A 492 -30.49 -17.07 -11.42
N ALA A 493 -31.46 -17.72 -10.80
CA ALA A 493 -32.85 -17.66 -11.24
C ALA A 493 -33.77 -17.33 -10.08
N LEU A 494 -34.99 -16.89 -10.42
CA LEU A 494 -36.00 -16.56 -9.43
C LEU A 494 -37.33 -17.29 -9.62
N THR A 495 -37.58 -17.87 -10.79
CA THR A 495 -38.86 -18.53 -11.05
C THR A 495 -39.05 -19.74 -10.13
N GLU A 496 -38.00 -20.54 -9.97
CA GLU A 496 -38.07 -21.72 -9.11
C GLU A 496 -37.79 -21.33 -7.66
N VAL A 497 -38.60 -21.85 -6.75
CA VAL A 497 -38.42 -21.56 -5.32
C VAL A 497 -37.13 -22.20 -4.87
N ILE A 498 -36.16 -21.36 -4.50
CA ILE A 498 -34.77 -21.77 -4.34
C ILE A 498 -34.68 -22.64 -3.09
N PRO A 499 -34.28 -23.91 -3.20
CA PRO A 499 -34.14 -24.73 -1.99
C PRO A 499 -33.02 -24.20 -1.11
N LEU A 500 -33.21 -24.33 0.20
CA LEU A 500 -32.22 -23.94 1.16
C LEU A 500 -31.83 -25.15 2.01
N THR A 501 -30.55 -25.27 2.28
CA THR A 501 -30.04 -26.38 3.07
C THR A 501 -30.48 -26.24 4.52
N GLU A 502 -30.70 -27.37 5.17
CA GLU A 502 -30.98 -27.36 6.60
C GLU A 502 -29.74 -27.09 7.43
N GLU A 503 -28.56 -27.60 7.03
CA GLU A 503 -27.37 -27.44 7.85
C GLU A 503 -26.92 -25.98 7.92
N ALA A 504 -26.80 -25.32 6.78
CA ALA A 504 -26.40 -23.91 6.78
C ALA A 504 -27.48 -23.06 7.43
N GLU A 505 -28.75 -23.41 7.25
CA GLU A 505 -29.83 -22.68 7.91
C GLU A 505 -29.71 -22.78 9.42
N LEU A 506 -29.45 -23.98 9.94
CA LEU A 506 -29.28 -24.15 11.38
C LEU A 506 -28.05 -23.40 11.86
N GLU A 507 -26.99 -23.37 11.05
CA GLU A 507 -25.84 -22.56 11.40
C GLU A 507 -26.21 -21.09 11.50
N LEU A 508 -27.03 -20.61 10.57
CA LEU A 508 -27.50 -19.23 10.64
C LEU A 508 -28.29 -19.00 11.92
N ALA A 509 -29.17 -19.93 12.26
CA ALA A 509 -30.01 -19.75 13.44
C ALA A 509 -29.18 -19.72 14.71
N GLU A 510 -28.23 -20.65 14.85
CA GLU A 510 -27.37 -20.67 16.03
C GLU A 510 -26.50 -19.43 16.09
N ASN A 511 -26.00 -18.99 14.93
CA ASN A 511 -25.25 -17.75 14.88
C ASN A 511 -26.08 -16.58 15.37
N ARG A 512 -27.34 -16.52 14.94
CA ARG A 512 -28.24 -15.45 15.37
C ARG A 512 -28.46 -15.51 16.88
N GLU A 513 -28.65 -16.71 17.41
CA GLU A 513 -28.86 -16.86 18.85
C GLU A 513 -27.69 -16.27 19.62
N ILE A 514 -26.46 -16.50 19.16
CA ILE A 514 -25.31 -15.83 19.75
C ILE A 514 -25.39 -14.33 19.49
N LEU A 515 -25.90 -13.93 18.31
CA LEU A 515 -25.97 -12.52 17.97
C LEU A 515 -26.91 -11.77 18.90
N LYS A 516 -27.76 -12.45 19.64
CA LYS A 516 -28.52 -11.82 20.71
C LYS A 516 -27.61 -11.55 21.91
N GLU A 517 -26.88 -10.43 21.84
CA GLU A 517 -26.03 -9.94 22.91
C GLU A 517 -25.78 -8.45 22.77
N PRO A 518 -26.27 -7.63 23.70
CA PRO A 518 -26.09 -6.18 23.57
C PRO A 518 -24.68 -5.75 23.84
N VAL A 519 -24.03 -5.12 22.87
CA VAL A 519 -22.69 -4.62 23.08
C VAL A 519 -22.77 -3.30 23.83
N HIS A 520 -21.62 -2.80 24.27
CA HIS A 520 -21.55 -1.53 24.96
C HIS A 520 -20.20 -0.90 24.65
N GLY A 521 -19.96 0.24 25.28
CA GLY A 521 -18.70 0.93 25.14
C GLY A 521 -18.87 2.39 25.52
N VAL A 522 -17.74 3.08 25.55
CA VAL A 522 -17.71 4.51 25.83
C VAL A 522 -16.79 5.18 24.82
N TYR A 523 -16.98 6.50 24.73
CA TYR A 523 -16.24 7.32 23.75
C TYR A 523 -14.76 7.43 24.13
N TYR A 524 -13.89 7.35 23.13
CA TYR A 524 -12.46 7.46 23.34
C TYR A 524 -12.06 8.90 23.63
N ASP A 525 -11.27 9.10 24.68
CA ASP A 525 -10.66 10.39 24.97
C ASP A 525 -9.17 10.27 24.78
N PRO A 526 -8.60 10.91 23.76
CA PRO A 526 -7.17 10.72 23.48
C PRO A 526 -6.25 11.21 24.59
N SER A 527 -6.73 12.06 25.49
CA SER A 527 -5.88 12.55 26.57
C SER A 527 -5.51 11.48 27.58
N LYS A 528 -6.15 10.31 27.52
CA LYS A 528 -5.91 9.22 28.47
C LYS A 528 -5.53 7.96 27.71
N ASP A 529 -4.49 7.28 28.18
CA ASP A 529 -3.90 6.17 27.44
C ASP A 529 -4.80 4.94 27.47
N LEU A 530 -4.76 4.17 26.40
CA LEU A 530 -5.42 2.88 26.38
C LEU A 530 -4.68 1.89 27.27
N ILE A 531 -5.43 1.03 27.95
CA ILE A 531 -4.86 -0.03 28.77
C ILE A 531 -5.63 -1.30 28.43
N ALA A 532 -4.98 -2.24 27.77
CA ALA A 532 -5.63 -3.49 27.44
C ALA A 532 -5.35 -4.53 28.51
N GLU A 533 -5.95 -5.71 28.36
CA GLU A 533 -5.71 -6.81 29.27
C GLU A 533 -6.18 -8.10 28.64
N ILE A 534 -5.37 -9.14 28.74
CA ILE A 534 -5.72 -10.46 28.22
C ILE A 534 -5.78 -11.42 29.39
N GLN A 535 -6.75 -12.34 29.35
CA GLN A 535 -6.90 -13.36 30.37
C GLN A 535 -7.04 -14.73 29.69
N LYS A 536 -6.46 -15.75 30.30
CA LYS A 536 -6.44 -17.10 29.73
C LYS A 536 -7.59 -17.90 30.32
N GLN A 537 -8.65 -18.08 29.54
CA GLN A 537 -9.79 -18.85 30.03
C GLN A 537 -9.47 -20.32 30.09
N GLY A 538 -9.23 -20.94 28.93
CA GLY A 538 -8.79 -22.33 28.91
C GLY A 538 -8.70 -23.01 27.56
N GLN A 539 -7.58 -23.70 27.33
CA GLN A 539 -7.41 -24.59 26.18
C GLN A 539 -7.61 -23.86 24.86
N GLY A 540 -7.13 -22.63 24.79
CA GLY A 540 -7.26 -21.86 23.57
C GLY A 540 -8.46 -20.94 23.53
N GLN A 541 -8.78 -20.31 24.66
CA GLN A 541 -9.79 -19.27 24.71
C GLN A 541 -9.24 -18.10 25.51
N TRP A 542 -9.28 -16.90 24.94
CA TRP A 542 -8.74 -15.71 25.58
C TRP A 542 -9.74 -14.57 25.50
N THR A 543 -9.40 -13.47 26.18
CA THR A 543 -10.23 -12.28 26.25
C THR A 543 -9.40 -11.06 25.84
N TYR A 544 -10.10 -10.01 25.39
CA TYR A 544 -9.49 -8.85 24.74
C TYR A 544 -9.96 -7.56 25.36
N GLN A 545 -10.08 -7.50 26.67
CA GLN A 545 -10.70 -6.32 27.28
C GLN A 545 -9.80 -5.10 27.10
N ILE A 546 -10.40 -4.00 26.62
CA ILE A 546 -9.69 -2.76 26.32
C ILE A 546 -10.38 -1.62 27.02
N TYR A 547 -9.61 -0.71 27.62
CA TYR A 547 -10.23 0.36 28.39
C TYR A 547 -9.24 1.48 28.64
N GLN A 548 -9.77 2.61 29.08
CA GLN A 548 -8.98 3.75 29.54
C GLN A 548 -9.27 4.17 30.96
N GLU A 549 -10.37 3.68 31.55
CA GLU A 549 -10.69 3.80 32.96
C GLU A 549 -11.17 2.44 33.44
N PRO A 550 -11.11 2.16 34.73
CA PRO A 550 -11.55 0.85 35.21
C PRO A 550 -13.04 0.67 34.96
N PHE A 551 -13.43 -0.56 34.62
CA PHE A 551 -14.83 -0.96 34.56
C PHE A 551 -15.62 -0.11 33.58
N LYS A 552 -14.98 0.33 32.50
CA LYS A 552 -15.65 0.99 31.39
C LYS A 552 -15.00 0.45 30.13
N ASN A 553 -15.52 -0.66 29.64
CA ASN A 553 -14.94 -1.32 28.48
C ASN A 553 -15.04 -0.43 27.26
N LEU A 554 -13.92 -0.26 26.57
CA LEU A 554 -13.91 0.40 25.28
C LEU A 554 -14.26 -0.57 24.17
N LYS A 555 -13.81 -1.81 24.29
CA LYS A 555 -14.12 -2.87 23.34
C LYS A 555 -13.67 -4.19 23.94
N THR A 556 -14.48 -5.21 23.77
CA THR A 556 -14.21 -6.51 24.33
C THR A 556 -14.24 -7.55 23.22
N GLY A 557 -13.29 -8.48 23.27
CA GLY A 557 -13.18 -9.47 22.21
C GLY A 557 -12.60 -10.75 22.77
N LYS A 558 -12.55 -11.77 21.92
CA LYS A 558 -12.00 -13.05 22.30
C LYS A 558 -11.12 -13.59 21.18
N TYR A 559 -10.13 -14.39 21.55
CA TYR A 559 -9.18 -14.95 20.60
C TYR A 559 -9.01 -16.43 20.87
N ALA A 560 -8.84 -17.21 19.80
CA ALA A 560 -8.66 -18.65 19.89
C ALA A 560 -7.55 -19.08 18.93
N ARG A 561 -7.15 -20.34 19.05
CA ARG A 561 -6.03 -20.84 18.27
C ARG A 561 -6.33 -20.81 16.78
N MET A 562 -5.29 -20.53 15.98
CA MET A 562 -5.43 -20.48 14.53
C MET A 562 -4.91 -21.72 13.82
N ARG A 563 -3.71 -22.19 14.19
CA ARG A 563 -3.19 -23.41 13.58
C ARG A 563 -4.03 -24.62 13.96
N GLY A 564 -4.34 -24.76 15.25
CA GLY A 564 -5.10 -25.90 15.72
C GLY A 564 -4.36 -27.22 15.72
N ALA A 565 -3.07 -27.21 15.39
CA ALA A 565 -2.28 -28.43 15.30
C ALA A 565 -1.18 -28.47 16.35
N HIS A 566 -0.29 -27.49 16.37
CA HIS A 566 0.80 -27.43 17.32
C HIS A 566 0.95 -26.00 17.80
N THR A 567 1.04 -25.81 19.12
CA THR A 567 1.14 -24.46 19.67
C THR A 567 1.57 -24.57 21.11
N ASN A 568 1.79 -23.41 21.73
CA ASN A 568 2.13 -23.30 23.13
C ASN A 568 1.52 -22.01 23.66
N ASP A 569 1.31 -21.97 24.98
CA ASP A 569 0.52 -20.88 25.54
C ASP A 569 1.23 -19.55 25.43
N VAL A 570 2.55 -19.53 25.61
CA VAL A 570 3.28 -18.28 25.50
C VAL A 570 3.22 -17.75 24.08
N LYS A 571 3.39 -18.63 23.11
CA LYS A 571 3.26 -18.21 21.72
C LYS A 571 1.86 -17.70 21.43
N GLN A 572 0.85 -18.33 22.01
CA GLN A 572 -0.51 -17.84 21.86
C GLN A 572 -0.66 -16.45 22.44
N LEU A 573 -0.06 -16.20 23.59
CA LEU A 573 -0.12 -14.86 24.17
C LEU A 573 0.52 -13.84 23.25
N THR A 574 1.67 -14.19 22.67
CA THR A 574 2.32 -13.26 21.75
C THR A 574 1.44 -12.99 20.55
N GLU A 575 0.82 -14.03 20.00
CA GLU A 575 -0.07 -13.83 18.86
C GLU A 575 -1.28 -12.97 19.22
N ALA A 576 -1.82 -13.16 20.42
CA ALA A 576 -2.93 -12.34 20.86
C ALA A 576 -2.53 -10.88 20.99
N VAL A 577 -1.33 -10.62 21.52
CA VAL A 577 -0.85 -9.25 21.57
C VAL A 577 -0.74 -8.67 20.18
N GLN A 578 -0.25 -9.47 19.24
CA GLN A 578 -0.11 -8.98 17.88
C GLN A 578 -1.45 -8.58 17.30
N LYS A 579 -2.45 -9.43 17.49
CA LYS A 579 -3.79 -9.12 16.99
C LYS A 579 -4.34 -7.87 17.65
N ILE A 580 -4.17 -7.74 18.95
CA ILE A 580 -4.71 -6.59 19.66
C ILE A 580 -4.06 -5.31 19.15
N THR A 581 -2.74 -5.36 18.95
CA THR A 581 -2.03 -4.18 18.47
C THR A 581 -2.49 -3.79 17.07
N THR A 582 -2.65 -4.78 16.18
CA THR A 582 -3.14 -4.47 14.86
C THR A 582 -4.51 -3.82 14.91
N GLU A 583 -5.42 -4.41 15.69
CA GLU A 583 -6.76 -3.84 15.78
C GLU A 583 -6.73 -2.44 16.37
N SER A 584 -5.88 -2.23 17.38
CA SER A 584 -5.83 -0.94 18.03
C SER A 584 -5.29 0.13 17.09
N ILE A 585 -4.24 -0.19 16.33
CA ILE A 585 -3.73 0.78 15.37
C ILE A 585 -4.79 1.08 14.32
N VAL A 586 -5.57 0.07 13.93
CA VAL A 586 -6.67 0.31 13.01
C VAL A 586 -7.66 1.31 13.61
N ILE A 587 -8.05 1.10 14.85
CA ILE A 587 -9.19 1.83 15.40
C ILE A 587 -8.79 3.21 15.89
N TRP A 588 -7.81 3.30 16.77
CA TRP A 588 -7.41 4.58 17.33
C TRP A 588 -6.07 5.07 16.81
N GLY A 589 -5.15 4.16 16.48
CA GLY A 589 -3.89 4.50 15.83
C GLY A 589 -2.69 4.40 16.74
N LYS A 590 -2.90 4.48 18.05
CA LYS A 590 -1.82 4.38 19.02
C LYS A 590 -1.85 3.00 19.69
N THR A 591 -0.70 2.36 19.74
CA THR A 591 -0.60 1.03 20.36
C THR A 591 -0.79 1.14 21.86
N PRO A 592 -1.45 0.20 22.49
CA PRO A 592 -1.76 0.31 23.91
C PRO A 592 -0.69 -0.24 24.84
N LYS A 593 -0.94 -0.14 26.14
CA LYS A 593 -0.10 -0.75 27.16
C LYS A 593 -0.79 -2.01 27.65
N PHE A 594 -0.30 -3.16 27.22
CA PHE A 594 -0.96 -4.41 27.56
C PHE A 594 -0.75 -4.73 29.04
N LYS A 595 -1.74 -5.38 29.64
CA LYS A 595 -1.61 -5.93 30.98
C LYS A 595 -1.70 -7.45 30.83
N LEU A 596 -0.58 -8.04 30.50
CA LEU A 596 -0.46 -9.47 30.33
C LEU A 596 -0.45 -10.15 31.69
N PRO A 597 -0.75 -11.44 31.73
CA PRO A 597 -0.68 -12.15 33.01
C PRO A 597 0.66 -12.83 33.28
N ILE A 598 1.41 -13.15 32.22
CA ILE A 598 2.58 -14.00 32.38
C ILE A 598 3.62 -13.32 33.27
N GLN A 599 4.38 -14.14 33.99
CA GLN A 599 5.46 -13.61 34.81
C GLN A 599 6.61 -13.14 33.95
N LYS A 600 7.29 -12.08 34.39
CA LYS A 600 8.33 -11.47 33.57
C LYS A 600 9.50 -12.40 33.36
N GLU A 601 9.87 -13.17 34.38
CA GLU A 601 10.97 -14.11 34.24
C GLU A 601 10.70 -15.11 33.14
N THR A 602 9.48 -15.64 33.09
CA THR A 602 9.11 -16.59 32.05
C THR A 602 9.16 -15.97 30.66
N TRP A 603 8.64 -14.75 30.51
CA TRP A 603 8.68 -14.12 29.21
C TRP A 603 10.11 -13.85 28.76
N GLU A 604 10.95 -13.38 29.67
CA GLU A 604 12.34 -13.13 29.29
C GLU A 604 13.03 -14.43 28.90
N THR A 605 12.82 -15.50 29.66
CA THR A 605 13.47 -16.75 29.32
C THR A 605 13.02 -17.23 27.95
N TRP A 606 11.73 -17.21 27.69
CA TRP A 606 11.25 -17.72 26.40
C TRP A 606 11.72 -16.85 25.26
N TRP A 607 11.77 -15.53 25.45
CA TRP A 607 12.20 -14.67 24.36
C TRP A 607 13.70 -14.76 24.12
N THR A 608 14.47 -15.02 25.16
CA THR A 608 15.91 -15.16 24.98
C THR A 608 16.31 -16.53 24.46
N GLU A 609 15.48 -17.53 24.62
CA GLU A 609 15.86 -18.86 24.17
C GLU A 609 15.17 -19.30 22.89
N TYR A 610 13.98 -18.79 22.59
CA TYR A 610 13.28 -19.24 21.39
C TYR A 610 14.00 -18.75 20.16
N TRP A 611 13.89 -19.52 19.08
CA TRP A 611 14.74 -19.25 17.93
C TRP A 611 14.26 -18.06 17.12
N GLN A 612 12.98 -17.76 17.12
CA GLN A 612 12.48 -16.73 16.24
C GLN A 612 12.40 -15.39 16.98
N ALA A 613 11.98 -14.36 16.26
CA ALA A 613 12.01 -12.99 16.75
C ALA A 613 10.61 -12.57 17.16
N THR A 614 10.47 -12.17 18.42
CA THR A 614 9.18 -11.75 18.97
C THR A 614 9.38 -10.51 19.82
N TRP A 615 8.43 -9.58 19.73
CA TRP A 615 8.45 -8.39 20.55
C TRP A 615 7.06 -8.11 21.10
N ILE A 616 7.02 -7.56 22.31
CA ILE A 616 5.79 -7.10 22.94
C ILE A 616 6.00 -5.66 23.37
N PRO A 617 5.12 -4.73 23.00
CA PRO A 617 5.28 -3.34 23.46
C PRO A 617 5.12 -3.20 24.95
N GLU A 618 5.20 -1.98 25.47
CA GLU A 618 5.26 -1.78 26.91
C GLU A 618 4.09 -2.45 27.61
N TRP A 619 4.39 -3.19 28.67
CA TRP A 619 3.36 -3.94 29.36
C TRP A 619 3.77 -4.21 30.79
N GLU A 620 2.81 -4.60 31.61
CA GLU A 620 3.05 -5.02 32.97
C GLU A 620 2.24 -6.27 33.28
N PHE A 621 2.75 -7.10 34.18
CA PHE A 621 2.00 -8.28 34.61
C PHE A 621 0.84 -7.88 35.51
N VAL A 622 -0.22 -8.67 35.47
CA VAL A 622 -1.35 -8.53 36.38
C VAL A 622 -1.67 -9.90 36.96
N ASN A 623 -1.84 -9.94 38.28
CA ASN A 623 -1.98 -11.21 38.98
C ASN A 623 -3.42 -11.68 38.95
N THR A 624 -3.65 -12.85 38.35
CA THR A 624 -4.94 -13.53 38.31
C THR A 624 -4.72 -14.98 38.71
N PRO A 625 -5.75 -15.64 39.23
CA PRO A 625 -5.61 -17.05 39.63
C PRO A 625 -5.17 -17.94 38.48
N PRO A 626 -5.66 -17.76 37.26
CA PRO A 626 -5.04 -18.44 36.13
C PRO A 626 -3.90 -17.64 35.53
N LEU A 627 -2.87 -18.36 35.11
CA LEU A 627 -1.65 -17.75 34.64
C LEU A 627 -1.03 -18.62 33.57
N VAL A 628 -0.04 -18.06 32.87
CA VAL A 628 0.61 -18.73 31.76
C VAL A 628 2.05 -18.99 32.14
N LYS A 629 2.52 -20.20 31.88
CA LYS A 629 3.90 -20.55 32.16
C LYS A 629 4.31 -21.67 31.22
N LEU A 630 5.61 -21.79 31.01
CA LEU A 630 6.13 -22.91 30.24
C LEU A 630 6.16 -24.12 31.16
N TRP A 631 5.42 -25.17 30.80
CA TRP A 631 5.26 -26.29 31.71
C TRP A 631 6.59 -27.00 31.98
N TYR A 632 7.41 -27.20 30.95
CA TYR A 632 8.62 -28.00 31.08
C TYR A 632 9.76 -27.39 30.29
N GLN A 633 10.97 -27.85 30.61
CA GLN A 633 12.18 -27.43 29.93
C GLN A 633 12.98 -28.66 29.53
N LEU A 634 13.70 -28.55 28.42
CA LEU A 634 14.58 -29.60 27.94
C LEU A 634 16.02 -29.22 28.31
N GLU A 635 16.70 -30.10 29.01
CA GLU A 635 17.98 -29.75 29.61
C GLU A 635 19.02 -29.46 28.55
N LYS A 636 19.99 -28.62 28.91
CA LYS A 636 21.08 -28.26 28.02
C LYS A 636 22.39 -28.97 28.32
N GLU A 637 22.41 -29.91 29.26
CA GLU A 637 23.62 -30.66 29.51
C GLU A 637 23.29 -32.08 29.89
N PRO A 638 23.86 -33.08 29.21
CA PRO A 638 23.56 -34.47 29.54
C PRO A 638 23.91 -34.77 30.98
N ILE A 639 23.10 -35.60 31.62
CA ILE A 639 23.02 -35.68 33.06
C ILE A 639 23.84 -36.85 33.56
N VAL A 640 24.59 -36.64 34.64
CA VAL A 640 25.42 -37.69 35.20
C VAL A 640 24.56 -38.81 35.75
N GLY A 641 24.94 -40.05 35.43
CA GLY A 641 24.25 -41.23 35.91
C GLY A 641 22.96 -41.55 35.21
N ALA A 642 22.32 -40.57 34.56
CA ALA A 642 21.02 -40.83 33.97
C ALA A 642 21.13 -41.87 32.87
N GLU A 643 20.19 -42.79 32.89
CA GLU A 643 20.19 -43.92 31.96
C GLU A 643 19.94 -43.37 30.57
N THR A 644 21.02 -43.14 29.82
CA THR A 644 20.87 -42.65 28.47
C THR A 644 20.17 -43.71 27.62
N PHE A 645 19.11 -43.30 26.94
CA PHE A 645 18.23 -44.18 26.20
C PHE A 645 18.30 -43.82 24.73
N TYR A 646 18.65 -44.78 23.89
CA TYR A 646 18.74 -44.56 22.46
C TYR A 646 17.43 -45.01 21.83
N VAL A 647 16.95 -44.25 20.85
CA VAL A 647 15.72 -44.61 20.15
C VAL A 647 15.97 -44.58 18.64
N ASP A 648 15.14 -45.33 17.92
CA ASP A 648 15.20 -45.37 16.46
C ASP A 648 13.84 -45.74 15.90
N GLY A 649 13.62 -45.38 14.64
CA GLY A 649 12.32 -45.61 14.02
C GLY A 649 12.43 -45.71 12.51
N ALA A 650 11.50 -46.46 11.92
CA ALA A 650 11.42 -46.59 10.47
C ALA A 650 10.02 -47.09 10.11
N ALA A 651 9.67 -46.92 8.83
CA ALA A 651 8.35 -47.28 8.35
C ALA A 651 8.44 -47.75 6.90
N ASN A 652 7.43 -48.51 6.48
CA ASN A 652 7.33 -49.05 5.13
C ASN A 652 6.06 -48.49 4.46
N ARG A 653 5.82 -48.90 3.21
CA ARG A 653 4.75 -48.31 2.42
C ARG A 653 3.75 -49.33 1.92
N GLU A 654 4.19 -50.51 1.46
CA GLU A 654 3.25 -51.47 0.91
C GLU A 654 2.23 -51.91 1.96
N THR A 655 2.69 -52.25 3.16
CA THR A 655 1.82 -52.76 4.21
C THR A 655 2.00 -52.07 5.55
N LYS A 656 2.56 -50.85 5.57
CA LYS A 656 2.79 -50.11 6.81
C LYS A 656 3.51 -50.98 7.84
N LEU A 657 4.48 -51.75 7.35
CA LEU A 657 5.18 -52.73 8.16
C LEU A 657 6.47 -52.12 8.69
N GLY A 658 6.33 -51.19 9.63
CA GLY A 658 7.46 -50.63 10.34
C GLY A 658 7.21 -50.67 11.83
N LYS A 659 8.25 -51.03 12.58
CA LYS A 659 8.13 -51.27 14.01
C LYS A 659 9.02 -50.29 14.76
N ALA A 660 8.74 -50.12 16.06
CA ALA A 660 9.38 -49.10 16.86
C ALA A 660 9.89 -49.70 18.17
N GLY A 661 10.73 -48.93 18.85
CA GLY A 661 11.27 -49.38 20.12
C GLY A 661 12.30 -48.41 20.64
N TYR A 662 13.16 -48.91 21.52
CA TYR A 662 14.25 -48.13 22.06
C TYR A 662 15.38 -49.06 22.45
N VAL A 663 16.59 -48.50 22.54
CA VAL A 663 17.77 -49.25 22.97
C VAL A 663 18.43 -48.48 24.10
N THR A 664 18.78 -49.19 25.17
CA THR A 664 19.15 -48.55 26.42
C THR A 664 20.56 -48.92 26.83
N ASN A 665 21.13 -48.07 27.68
CA ASN A 665 22.46 -48.29 28.22
C ASN A 665 22.62 -49.68 28.81
N LYS A 666 21.63 -50.18 29.53
CA LYS A 666 21.69 -51.54 30.05
C LYS A 666 21.12 -52.56 29.08
N GLY A 667 20.44 -52.12 28.04
CA GLY A 667 19.95 -53.02 27.03
C GLY A 667 18.48 -53.38 27.12
N ARG A 668 17.74 -52.81 28.05
CA ARG A 668 16.31 -53.05 28.06
C ARG A 668 15.68 -52.43 26.83
N GLN A 669 14.63 -53.06 26.35
CA GLN A 669 14.01 -52.65 25.09
C GLN A 669 12.66 -53.32 25.00
N LYS A 670 11.83 -52.79 24.11
CA LYS A 670 10.59 -53.48 23.75
C LYS A 670 10.17 -53.01 22.39
N VAL A 671 9.87 -53.95 21.50
CA VAL A 671 9.33 -53.64 20.20
C VAL A 671 7.90 -54.17 20.18
N VAL A 672 6.94 -53.24 20.13
CA VAL A 672 5.53 -53.59 20.19
C VAL A 672 4.92 -53.19 18.86
N PRO A 673 4.26 -54.11 18.16
CA PRO A 673 3.81 -53.83 16.79
C PRO A 673 2.83 -52.67 16.76
N LEU A 674 2.92 -51.87 15.70
CA LEU A 674 2.16 -50.64 15.61
C LEU A 674 1.33 -50.66 14.33
N THR A 675 0.15 -50.05 14.41
CA THR A 675 -0.78 -49.94 13.31
C THR A 675 -0.74 -48.52 12.75
N ASN A 676 -1.12 -48.40 11.48
CA ASN A 676 -1.03 -47.13 10.75
C ASN A 676 0.38 -46.56 10.89
N THR A 677 1.35 -47.40 10.57
CA THR A 677 2.76 -47.07 10.77
C THR A 677 3.18 -46.03 9.75
N THR A 678 3.52 -44.84 10.24
CA THR A 678 3.94 -43.72 9.39
C THR A 678 5.29 -43.23 9.88
N ASN A 679 6.13 -42.78 8.95
CA ASN A 679 7.52 -42.50 9.29
C ASN A 679 7.63 -41.45 10.38
N GLN A 680 6.98 -40.30 10.20
CA GLN A 680 6.97 -39.31 11.27
C GLN A 680 6.28 -39.87 12.51
N LYS A 681 5.21 -40.64 12.30
CA LYS A 681 4.57 -41.30 13.43
C LYS A 681 5.54 -42.24 14.14
N THR A 682 6.33 -43.01 13.38
CA THR A 682 7.27 -43.93 14.01
C THR A 682 8.34 -43.18 14.78
N GLU A 683 8.85 -42.09 14.20
CA GLU A 683 9.87 -41.31 14.89
C GLU A 683 9.33 -40.77 16.20
N LEU A 684 8.08 -40.31 16.19
CA LEU A 684 7.46 -39.91 17.44
C LEU A 684 7.31 -41.08 18.39
N GLN A 685 6.89 -42.24 17.89
CA GLN A 685 6.57 -43.35 18.76
C GLN A 685 7.81 -43.87 19.47
N ALA A 686 8.96 -43.77 18.81
CA ALA A 686 10.20 -44.27 19.41
C ALA A 686 10.49 -43.55 20.72
N ILE A 687 10.29 -42.24 20.76
CA ILE A 687 10.56 -41.49 21.98
C ILE A 687 9.60 -41.89 23.07
N TYR A 688 8.31 -41.95 22.75
CA TYR A 688 7.31 -42.24 23.78
C TYR A 688 7.51 -43.60 24.39
N LEU A 689 7.87 -44.60 23.56
CA LEU A 689 8.05 -45.93 24.10
C LEU A 689 9.08 -45.93 25.22
N ALA A 690 10.17 -45.18 25.05
CA ALA A 690 11.18 -45.11 26.08
C ALA A 690 10.75 -44.22 27.23
N LEU A 691 10.04 -43.13 26.93
CA LEU A 691 9.66 -42.21 28.00
C LEU A 691 8.71 -42.87 28.98
N GLN A 692 7.89 -43.81 28.51
CA GLN A 692 6.95 -44.49 29.40
C GLN A 692 7.69 -45.30 30.47
N ASP A 693 8.78 -45.95 30.08
CA ASP A 693 9.53 -46.80 31.02
C ASP A 693 10.83 -46.13 31.47
N SER A 694 10.79 -44.83 31.68
CA SER A 694 11.94 -44.07 32.14
C SER A 694 11.62 -43.35 33.44
N GLY A 695 12.63 -43.22 34.30
CA GLY A 695 12.45 -42.62 35.60
C GLY A 695 12.38 -41.11 35.54
N LEU A 696 13.05 -40.46 36.49
CA LEU A 696 13.05 -39.00 36.54
C LEU A 696 14.06 -38.41 35.56
N GLU A 697 15.35 -38.70 35.75
CA GLU A 697 16.42 -38.10 34.97
C GLU A 697 16.71 -39.01 33.79
N VAL A 698 16.47 -38.52 32.57
CA VAL A 698 16.58 -39.33 31.38
C VAL A 698 17.35 -38.59 30.30
N ASN A 699 18.03 -39.38 29.46
CA ASN A 699 18.70 -38.89 28.25
C ASN A 699 18.18 -39.69 27.07
N ILE A 700 17.73 -39.00 26.04
CA ILE A 700 17.18 -39.67 24.87
C ILE A 700 17.90 -39.16 23.63
N VAL A 701 18.49 -40.09 22.89
CA VAL A 701 19.19 -39.81 21.65
C VAL A 701 18.30 -40.29 20.52
N THR A 702 17.91 -39.38 19.65
CA THR A 702 16.98 -39.69 18.58
C THR A 702 17.60 -39.38 17.23
N ASP A 703 17.31 -40.22 16.24
CA ASP A 703 17.79 -40.04 14.89
C ASP A 703 16.81 -39.24 14.04
N SER A 704 15.80 -38.65 14.65
CA SER A 704 14.83 -37.82 13.94
C SER A 704 15.12 -36.36 14.24
N GLN A 705 15.33 -35.57 13.19
CA GLN A 705 15.24 -34.13 13.35
C GLN A 705 13.79 -33.69 13.56
N TYR A 706 12.83 -34.42 12.99
CA TYR A 706 11.44 -33.99 13.07
C TYR A 706 10.89 -34.18 14.47
N ALA A 707 11.13 -35.34 15.08
CA ALA A 707 10.65 -35.55 16.44
C ALA A 707 11.28 -34.54 17.37
N LEU A 708 12.59 -34.31 17.23
CA LEU A 708 13.26 -33.34 18.07
C LEU A 708 12.66 -31.97 17.89
N GLY A 709 12.37 -31.59 16.65
CA GLY A 709 11.80 -30.28 16.41
C GLY A 709 10.42 -30.12 17.01
N ILE A 710 9.59 -31.16 16.90
CA ILE A 710 8.26 -31.08 17.46
C ILE A 710 8.32 -31.00 18.98
N ILE A 711 9.15 -31.85 19.60
CA ILE A 711 9.20 -31.87 21.05
C ILE A 711 9.81 -30.59 21.60
N GLN A 712 10.93 -30.15 21.04
CA GLN A 712 11.70 -29.09 21.68
C GLN A 712 11.09 -27.72 21.47
N ALA A 713 10.03 -27.61 20.69
CA ALA A 713 9.30 -26.36 20.64
C ALA A 713 8.53 -26.07 21.92
N GLN A 714 8.67 -26.91 22.93
CA GLN A 714 7.93 -26.79 24.18
C GLN A 714 6.44 -26.57 23.95
N PRO A 715 5.76 -27.45 23.22
CA PRO A 715 4.34 -27.25 22.97
C PRO A 715 3.52 -27.71 24.15
N ASP A 716 2.24 -27.33 24.12
CA ASP A 716 1.30 -27.73 25.16
C ASP A 716 -0.01 -28.29 24.63
N LYS A 717 -0.35 -28.06 23.37
CA LYS A 717 -1.56 -28.64 22.80
C LYS A 717 -1.28 -29.11 21.39
N SER A 718 -1.73 -30.33 21.09
CA SER A 718 -1.56 -30.87 19.75
C SER A 718 -2.71 -31.83 19.46
N GLU A 719 -3.01 -31.99 18.18
CA GLU A 719 -4.09 -32.88 17.77
C GLU A 719 -3.78 -34.33 18.10
N SER A 720 -2.53 -34.65 18.43
CA SER A 720 -2.13 -36.03 18.68
C SER A 720 -2.23 -36.32 20.17
N GLU A 721 -3.05 -37.31 20.52
CA GLU A 721 -3.00 -37.88 21.86
C GLU A 721 -1.67 -38.57 22.10
N LEU A 722 -0.95 -38.95 21.03
CA LEU A 722 0.41 -39.44 21.20
C LEU A 722 1.33 -38.33 21.67
N VAL A 723 1.26 -37.17 21.00
CA VAL A 723 2.05 -36.03 21.43
C VAL A 723 1.61 -35.59 22.82
N ASN A 724 0.30 -35.53 23.05
CA ASN A 724 -0.19 -35.13 24.36
C ASN A 724 0.22 -36.12 25.44
N GLN A 725 0.27 -37.41 25.11
CA GLN A 725 0.72 -38.39 26.08
C GLN A 725 2.19 -38.17 26.43
N ILE A 726 3.00 -37.83 25.43
CA ILE A 726 4.39 -37.49 25.70
C ILE A 726 4.48 -36.27 26.59
N ILE A 727 3.64 -35.27 26.34
CA ILE A 727 3.69 -34.06 27.15
C ILE A 727 3.33 -34.38 28.60
N GLU A 728 2.26 -35.14 28.79
CA GLU A 728 1.88 -35.51 30.14
C GLU A 728 2.92 -36.38 30.81
N GLN A 729 3.59 -37.23 30.03
CA GLN A 729 4.67 -38.05 30.58
C GLN A 729 5.84 -37.18 31.01
N LEU A 730 6.28 -36.30 30.12
CA LEU A 730 7.45 -35.46 30.36
C LEU A 730 7.19 -34.46 31.47
N ILE A 731 5.93 -34.12 31.73
CA ILE A 731 5.65 -33.28 32.89
C ILE A 731 6.16 -33.96 34.16
N LYS A 732 5.97 -35.26 34.26
CA LYS A 732 6.38 -35.96 35.46
C LYS A 732 7.89 -35.96 35.63
N LYS A 733 8.63 -36.11 34.52
CA LYS A 733 10.07 -36.22 34.59
C LYS A 733 10.68 -34.90 35.06
N GLU A 734 11.83 -35.01 35.71
CA GLU A 734 12.48 -33.87 36.34
C GLU A 734 13.66 -33.33 35.56
N LYS A 735 14.44 -34.20 34.92
CA LYS A 735 15.63 -33.78 34.18
C LYS A 735 15.68 -34.58 32.90
N VAL A 736 15.20 -34.00 31.81
CA VAL A 736 15.14 -34.69 30.52
C VAL A 736 16.01 -33.95 29.52
N TYR A 737 16.87 -34.69 28.83
CA TYR A 737 17.85 -34.11 27.93
C TYR A 737 17.80 -34.88 26.62
N LEU A 738 17.67 -34.15 25.52
CA LEU A 738 17.52 -34.74 24.20
C LEU A 738 18.65 -34.29 23.30
N ALA A 739 19.17 -35.23 22.52
CA ALA A 739 20.19 -34.95 21.53
C ALA A 739 19.85 -35.71 20.25
N TRP A 740 20.60 -35.41 19.20
CA TRP A 740 20.31 -35.86 17.84
C TRP A 740 21.52 -36.55 17.25
N VAL A 741 21.29 -37.47 16.33
CA VAL A 741 22.37 -38.16 15.63
C VAL A 741 22.09 -38.22 14.14
N PRO A 742 23.10 -38.34 13.30
CA PRO A 742 22.86 -38.59 11.88
C PRO A 742 22.30 -39.99 11.65
N ALA A 743 21.51 -40.12 10.59
CA ALA A 743 20.90 -41.40 10.28
C ALA A 743 21.82 -42.24 9.40
N HIS A 744 21.54 -43.55 9.38
CA HIS A 744 22.24 -44.52 8.54
C HIS A 744 23.75 -44.43 8.74
N LYS A 745 24.15 -44.22 9.98
CA LYS A 745 25.55 -44.20 10.37
C LYS A 745 25.72 -45.02 11.64
N GLY A 746 26.89 -45.60 11.82
CA GLY A 746 27.16 -46.37 13.01
C GLY A 746 27.78 -45.52 14.10
N ILE A 747 27.04 -45.27 15.19
CA ILE A 747 27.48 -44.35 16.24
C ILE A 747 27.62 -45.11 17.56
N GLY A 748 27.70 -46.43 17.49
CA GLY A 748 27.94 -47.24 18.67
C GLY A 748 26.74 -47.48 19.54
N GLY A 749 25.57 -46.97 19.16
CA GLY A 749 24.36 -47.11 19.94
C GLY A 749 23.39 -48.09 19.31
N ASN A 750 22.49 -47.55 18.48
CA ASN A 750 21.35 -48.29 17.95
C ASN A 750 21.74 -49.52 17.14
N GLU A 751 23.04 -49.80 17.00
CA GLU A 751 23.48 -50.93 16.20
C GLU A 751 22.88 -52.23 16.70
N GLN A 752 22.43 -52.26 17.97
CA GLN A 752 21.81 -53.47 18.50
C GLN A 752 20.52 -53.81 17.75
N VAL A 753 19.73 -52.80 17.36
CA VAL A 753 18.57 -53.03 16.50
C VAL A 753 18.69 -52.19 15.24
N ASP A 754 19.91 -52.09 14.70
CA ASP A 754 20.06 -51.51 13.37
C ASP A 754 19.36 -52.34 12.31
N LYS A 755 19.22 -53.65 12.55
CA LYS A 755 18.61 -54.57 11.61
C LYS A 755 17.09 -54.55 11.66
N LEU A 756 16.51 -53.47 12.18
CA LEU A 756 15.10 -53.46 12.52
C LEU A 756 14.20 -53.71 11.31
N VAL A 757 14.48 -53.06 10.18
CA VAL A 757 13.58 -53.05 9.04
C VAL A 757 14.15 -53.78 7.83
N SER A 758 15.41 -53.53 7.50
CA SER A 758 16.00 -54.07 6.28
C SER A 758 16.16 -55.59 6.33
N PRO B 107 -15.07 22.94 -24.30
CA PRO B 107 -14.28 22.23 -25.30
C PRO B 107 -12.83 22.73 -25.30
N GLN B 108 -11.91 21.94 -25.84
CA GLN B 108 -10.48 22.36 -25.93
C GLN B 108 -10.25 22.92 -27.32
N ILE B 109 -9.76 24.17 -27.43
CA ILE B 109 -9.60 24.80 -28.77
C ILE B 109 -8.11 24.90 -29.10
N THR B 110 -7.69 24.33 -30.24
CA THR B 110 -6.29 24.48 -30.69
C THR B 110 -6.10 25.92 -31.20
N LEU B 111 -4.87 26.45 -31.16
CA LEU B 111 -4.68 27.88 -31.53
C LEU B 111 -4.16 28.01 -32.97
N TRP B 112 -4.25 26.94 -33.77
CA TRP B 112 -3.78 26.98 -35.17
C TRP B 112 -4.57 28.08 -35.88
N GLN B 113 -5.83 28.26 -35.48
CA GLN B 113 -6.71 29.28 -36.09
C GLN B 113 -7.35 30.16 -35.02
N ARG B 114 -7.91 31.30 -35.40
CA ARG B 114 -8.53 32.19 -34.41
C ARG B 114 -9.69 31.50 -33.69
N PRO B 115 -9.71 31.58 -32.34
CA PRO B 115 -10.79 30.95 -31.57
C PRO B 115 -12.08 31.79 -31.55
N LEU B 116 -12.74 31.94 -32.69
CA LEU B 116 -14.05 32.65 -32.72
C LEU B 116 -15.13 31.64 -32.28
N VAL B 117 -16.06 32.07 -31.43
CA VAL B 117 -17.16 31.17 -30.97
C VAL B 117 -18.50 31.88 -31.19
N THR B 118 -19.56 31.11 -31.44
CA THR B 118 -20.90 31.73 -31.60
C THR B 118 -21.28 32.39 -30.28
N ILE B 119 -21.72 33.65 -30.35
CA ILE B 119 -22.14 34.40 -29.13
C ILE B 119 -23.54 34.97 -29.42
N LYS B 120 -24.43 34.98 -28.44
CA LYS B 120 -25.75 35.60 -28.73
C LYS B 120 -25.85 36.96 -28.03
N ILE B 121 -26.04 38.05 -28.76
CA ILE B 121 -26.17 39.36 -28.12
C ILE B 121 -27.53 40.07 -28.35
N GLY B 122 -28.19 40.46 -27.26
CA GLY B 122 -29.48 41.18 -27.34
C GLY B 122 -30.44 40.41 -28.22
N GLY B 123 -30.42 39.08 -28.12
CA GLY B 123 -31.31 38.24 -28.96
C GLY B 123 -30.68 37.98 -30.32
N GLN B 124 -29.40 38.28 -30.51
CA GLN B 124 -28.81 38.07 -31.84
C GLN B 124 -27.65 37.05 -31.92
N LEU B 125 -27.68 36.23 -32.98
CA LEU B 125 -26.61 35.24 -33.24
C LEU B 125 -25.45 35.94 -33.96
N LYS B 126 -24.23 35.76 -33.48
CA LYS B 126 -23.04 36.36 -34.06
C LYS B 126 -21.81 35.58 -33.63
N GLU B 127 -20.63 35.94 -34.12
CA GLU B 127 -19.42 35.21 -33.73
C GLU B 127 -18.40 36.16 -33.12
N ALA B 128 -17.95 35.88 -31.89
CA ALA B 128 -16.97 36.77 -31.24
C ALA B 128 -15.66 35.98 -31.04
N LEU B 129 -14.52 36.63 -31.26
CA LEU B 129 -13.21 35.96 -31.09
C LEU B 129 -12.87 35.95 -29.60
N LEU B 130 -12.66 34.76 -29.03
CA LEU B 130 -12.24 34.69 -27.61
C LEU B 130 -10.84 35.29 -27.56
N ALA B 131 -10.65 36.37 -26.81
CA ALA B 131 -9.35 37.02 -26.70
C ALA B 131 -8.76 36.83 -25.31
N THR B 132 -7.53 36.33 -25.25
CA THR B 132 -6.85 36.11 -23.97
C THR B 132 -6.09 37.35 -23.52
N GLY B 133 -5.66 38.16 -24.48
CA GLY B 133 -4.93 39.38 -24.19
C GLY B 133 -5.81 40.61 -24.23
N ALA B 134 -7.12 40.39 -24.19
CA ALA B 134 -8.10 41.51 -24.23
C ALA B 134 -8.65 41.68 -22.82
N ASP B 135 -8.51 42.86 -22.24
CA ASP B 135 -9.00 43.13 -20.90
C ASP B 135 -10.52 43.00 -20.82
N ASP B 136 -11.22 44.00 -21.35
CA ASP B 136 -12.68 44.00 -21.35
C ASP B 136 -13.24 43.33 -22.60
N THR B 137 -14.55 43.41 -22.78
CA THR B 137 -15.20 42.82 -23.94
C THR B 137 -15.70 43.90 -24.90
N VAL B 138 -15.20 43.86 -26.13
CA VAL B 138 -15.59 44.85 -27.18
C VAL B 138 -16.35 44.15 -28.29
N LEU B 139 -17.56 44.61 -28.62
CA LEU B 139 -18.35 44.00 -29.68
C LEU B 139 -18.62 44.99 -30.81
N GLU B 140 -19.38 44.56 -31.80
CA GLU B 140 -19.70 45.40 -32.95
C GLU B 140 -20.83 46.38 -32.61
N GLU B 141 -21.04 47.36 -33.48
CA GLU B 141 -22.07 48.36 -33.27
C GLU B 141 -23.46 47.73 -33.31
N MET B 142 -24.18 47.83 -32.18
CA MET B 142 -25.52 47.27 -32.08
C MET B 142 -26.28 47.93 -30.93
N SER B 143 -27.60 47.74 -30.91
CA SER B 143 -28.44 48.33 -29.84
C SER B 143 -28.27 47.53 -28.54
N LEU B 144 -27.94 48.23 -27.43
CA LEU B 144 -27.78 47.54 -26.13
C LEU B 144 -28.66 48.22 -25.06
N PRO B 145 -29.42 47.46 -24.24
CA PRO B 145 -30.34 48.03 -23.25
C PRO B 145 -29.66 48.72 -22.05
N GLY B 146 -30.32 49.72 -21.48
CA GLY B 146 -29.77 50.44 -20.31
C GLY B 146 -28.90 51.62 -20.71
N ARG B 147 -28.44 52.41 -19.73
CA ARG B 147 -27.59 53.59 -20.01
C ARG B 147 -26.18 53.12 -20.37
N TRP B 148 -25.41 53.97 -21.06
CA TRP B 148 -24.01 53.62 -21.44
C TRP B 148 -23.05 54.73 -20.97
N LYS B 149 -21.79 54.38 -20.77
CA LYS B 149 -20.78 55.39 -20.32
C LYS B 149 -19.69 55.53 -21.39
N PRO B 150 -19.36 56.75 -21.84
CA PRO B 150 -18.28 56.95 -22.82
C PRO B 150 -16.93 56.50 -22.24
N LYS B 151 -16.15 55.74 -23.02
CA LYS B 151 -14.85 55.19 -22.53
C LYS B 151 -13.92 55.02 -23.74
N MET B 152 -12.62 54.85 -23.51
CA MET B 152 -11.66 54.67 -24.58
C MET B 152 -10.77 53.47 -24.28
N ILE B 153 -10.36 52.73 -25.31
CA ILE B 153 -9.49 51.54 -25.08
C ILE B 153 -8.27 51.62 -26.00
N GLY B 154 -7.10 51.23 -25.50
CA GLY B 154 -5.88 51.23 -26.33
C GLY B 154 -5.64 49.89 -27.00
N GLY B 155 -5.35 49.89 -28.30
CA GLY B 155 -5.06 48.63 -29.01
C GLY B 155 -3.65 48.69 -29.55
N ILE B 156 -3.39 48.07 -30.70
CA ILE B 156 -2.01 48.01 -31.25
C ILE B 156 -1.95 49.10 -32.31
N GLY B 157 -3.07 49.82 -32.52
CA GLY B 157 -3.10 50.92 -33.50
C GLY B 157 -3.42 52.30 -32.89
N GLY B 158 -3.85 52.31 -31.61
CA GLY B 158 -4.20 53.57 -30.93
C GLY B 158 -5.34 53.43 -29.95
N PHE B 159 -6.16 54.46 -29.79
CA PHE B 159 -7.32 54.41 -28.85
C PHE B 159 -8.61 54.63 -29.64
N ILE B 160 -9.67 53.91 -29.27
CA ILE B 160 -10.98 54.07 -29.96
C ILE B 160 -12.08 54.43 -28.95
N LYS B 161 -13.09 55.18 -29.37
CA LYS B 161 -14.20 55.58 -28.47
C LYS B 161 -15.24 54.46 -28.42
N VAL B 162 -15.58 53.99 -27.22
CA VAL B 162 -16.54 52.85 -27.08
C VAL B 162 -17.64 53.22 -26.09
N ARG B 163 -18.82 52.61 -26.20
CA ARG B 163 -19.93 52.87 -25.24
C ARG B 163 -19.96 51.71 -24.25
N GLN B 164 -19.95 52.01 -22.94
CA GLN B 164 -19.86 50.91 -21.95
C GLN B 164 -21.27 50.54 -21.45
N TYR B 165 -21.66 49.28 -21.61
CA TYR B 165 -22.96 48.81 -21.08
C TYR B 165 -22.67 47.75 -20.02
N ASP B 166 -23.20 47.89 -18.81
CA ASP B 166 -22.84 46.94 -17.73
C ASP B 166 -23.94 45.90 -17.51
N GLN B 167 -23.59 44.75 -16.92
CA GLN B 167 -24.62 43.71 -16.61
C GLN B 167 -25.39 43.34 -17.88
N ILE B 168 -24.67 43.11 -18.99
CA ILE B 168 -25.37 42.83 -20.28
C ILE B 168 -25.36 41.32 -20.56
N LEU B 169 -26.54 40.76 -20.87
CA LEU B 169 -26.58 39.29 -21.25
C LEU B 169 -25.87 38.76 -22.53
N ILE B 170 -25.02 37.74 -22.41
CA ILE B 170 -24.33 37.18 -23.56
C ILE B 170 -24.21 35.66 -23.45
N GLU B 171 -24.41 34.96 -24.56
CA GLU B 171 -24.30 33.47 -24.55
C GLU B 171 -23.03 33.11 -25.31
N ILE B 172 -22.00 32.64 -24.61
CA ILE B 172 -20.70 32.35 -25.30
C ILE B 172 -20.59 30.83 -25.45
N CYS B 173 -20.56 30.35 -26.70
CA CYS B 173 -20.49 28.90 -26.98
C CYS B 173 -21.68 28.19 -26.30
N GLY B 174 -22.84 28.86 -26.26
CA GLY B 174 -24.01 28.29 -25.59
C GLY B 174 -23.95 28.35 -24.08
N HIS B 175 -23.10 29.23 -23.52
CA HIS B 175 -23.03 29.40 -22.04
C HIS B 175 -23.36 30.83 -21.64
N LYS B 176 -24.30 31.02 -20.71
CA LYS B 176 -24.75 32.38 -20.32
C LYS B 176 -23.65 33.14 -19.58
N ALA B 177 -23.43 34.41 -19.92
CA ALA B 177 -22.45 35.25 -19.21
C ALA B 177 -23.07 36.65 -19.03
N ILE B 178 -22.99 37.24 -17.84
CA ILE B 178 -23.49 38.64 -17.68
C ILE B 178 -22.30 39.51 -17.28
N GLY B 179 -21.96 40.51 -18.11
CA GLY B 179 -20.76 41.32 -17.83
C GLY B 179 -20.80 42.66 -18.55
N THR B 180 -19.86 43.56 -18.22
CA THR B 180 -19.79 44.84 -18.96
C THR B 180 -19.46 44.54 -20.43
N VAL B 181 -20.18 45.19 -21.35
CA VAL B 181 -19.92 45.00 -22.81
C VAL B 181 -19.60 46.38 -23.40
N LEU B 182 -18.51 46.47 -24.16
CA LEU B 182 -18.11 47.77 -24.77
C LEU B 182 -18.51 47.73 -26.24
N VAL B 183 -19.23 48.76 -26.70
CA VAL B 183 -19.57 48.81 -28.16
C VAL B 183 -18.67 49.86 -28.79
N GLY B 184 -17.86 49.46 -29.78
CA GLY B 184 -16.88 50.39 -30.38
C GLY B 184 -16.56 50.00 -31.81
N PRO B 185 -15.79 50.83 -32.55
CA PRO B 185 -15.52 50.54 -33.97
C PRO B 185 -14.38 49.51 -34.04
N THR B 186 -14.67 48.28 -33.61
CA THR B 186 -13.63 47.22 -33.58
C THR B 186 -13.81 46.29 -34.78
N PRO B 187 -12.73 45.93 -35.50
CA PRO B 187 -12.82 44.99 -36.62
C PRO B 187 -13.30 43.59 -36.21
N VAL B 188 -12.86 43.05 -35.07
CA VAL B 188 -13.30 41.71 -34.69
C VAL B 188 -14.08 41.71 -33.39
N ASN B 189 -15.28 41.14 -33.41
CA ASN B 189 -16.08 41.11 -32.15
C ASN B 189 -15.13 40.39 -31.18
N ILE B 190 -15.01 40.85 -29.95
CA ILE B 190 -13.98 40.24 -29.07
C ILE B 190 -14.55 39.82 -27.72
N ILE B 191 -14.19 38.62 -27.25
CA ILE B 191 -14.60 38.21 -25.88
C ILE B 191 -13.40 38.44 -24.98
N GLY B 192 -13.49 39.41 -24.08
CA GLY B 192 -12.37 39.77 -23.19
C GLY B 192 -12.31 38.87 -21.97
N ARG B 193 -11.24 39.01 -21.16
CA ARG B 193 -11.06 38.19 -19.93
C ARG B 193 -12.24 38.42 -18.99
N ASN B 194 -12.86 39.61 -19.03
CA ASN B 194 -13.96 39.93 -18.10
C ASN B 194 -15.13 38.93 -18.27
N LEU B 195 -15.50 38.59 -19.52
CA LEU B 195 -16.56 37.58 -19.76
C LEU B 195 -15.95 36.18 -19.81
N LEU B 196 -14.66 36.09 -20.17
CA LEU B 196 -13.95 34.79 -20.21
C LEU B 196 -13.89 34.21 -18.78
N THR B 197 -13.68 35.05 -17.77
CA THR B 197 -13.63 34.61 -16.35
C THR B 197 -15.00 34.07 -15.90
N GLN B 198 -16.09 34.70 -16.33
CA GLN B 198 -17.44 34.26 -15.91
C GLN B 198 -17.64 32.84 -16.43
N ILE B 199 -17.22 32.57 -17.67
CA ILE B 199 -17.30 31.25 -18.24
C ILE B 199 -16.30 30.50 -17.35
N GLY B 200 -15.10 31.03 -17.24
CA GLY B 200 -13.97 30.34 -16.63
C GLY B 200 -12.96 29.86 -17.64
N CYS B 201 -12.87 30.57 -18.77
CA CYS B 201 -11.92 30.21 -19.82
C CYS B 201 -10.51 30.15 -19.26
N THR B 202 -9.77 29.10 -19.61
CA THR B 202 -8.42 28.93 -19.09
C THR B 202 -7.37 28.59 -20.15
N LEU B 203 -6.13 28.98 -19.85
CA LEU B 203 -4.97 28.74 -20.69
C LEU B 203 -4.41 27.41 -20.20
N ASN B 204 -4.25 26.44 -21.10
CA ASN B 204 -3.78 25.09 -20.68
C ASN B 204 -2.41 24.79 -21.32
N PHE B 205 -1.42 24.40 -20.52
CA PHE B 205 -0.06 24.22 -21.05
C PHE B 205 0.60 22.84 -21.13
N PRO B 206 1.13 22.50 -22.33
CA PRO B 206 1.84 21.25 -22.61
C PRO B 206 3.33 21.53 -22.76
N ILE B 207 4.17 20.50 -22.86
CA ILE B 207 5.64 20.75 -23.03
C ILE B 207 6.12 20.54 -24.47
N SER B 208 7.09 21.35 -24.94
CA SER B 208 7.63 21.20 -26.31
C SER B 208 9.00 20.50 -26.32
N PRO B 209 10.05 20.96 -25.59
CA PRO B 209 11.38 20.33 -25.65
C PRO B 209 11.50 18.92 -25.06
N ILE B 210 10.86 18.66 -23.92
CA ILE B 210 11.06 17.34 -23.25
C ILE B 210 9.75 16.54 -23.31
N GLU B 211 9.83 15.31 -23.81
CA GLU B 211 8.70 14.40 -23.89
C GLU B 211 9.20 13.07 -23.34
N THR B 212 8.71 12.72 -22.16
CA THR B 212 9.11 11.49 -21.48
C THR B 212 9.19 10.27 -22.39
N VAL B 213 10.26 9.50 -22.24
CA VAL B 213 10.47 8.28 -23.00
C VAL B 213 9.36 7.28 -22.68
N PRO B 214 8.88 6.55 -23.70
CA PRO B 214 7.78 5.63 -23.39
C PRO B 214 8.15 4.66 -22.29
N VAL B 215 7.13 4.24 -21.55
CA VAL B 215 7.27 3.26 -20.47
C VAL B 215 6.29 2.13 -20.72
N LYS B 216 6.76 0.90 -20.59
CA LYS B 216 6.01 -0.27 -21.02
C LYS B 216 5.91 -1.30 -19.90
N LEU B 217 5.02 -2.26 -20.09
CA LEU B 217 4.85 -3.39 -19.18
C LEU B 217 5.11 -4.71 -19.90
N LYS B 218 5.49 -5.72 -19.12
CA LYS B 218 5.61 -7.06 -19.67
C LYS B 218 4.25 -7.51 -20.19
N PRO B 219 4.19 -8.04 -21.42
CA PRO B 219 2.89 -8.33 -22.02
C PRO B 219 2.07 -9.25 -21.13
N GLY B 220 0.79 -8.95 -21.02
CA GLY B 220 -0.06 -9.68 -20.11
C GLY B 220 0.28 -9.49 -18.65
N MET B 221 0.62 -8.26 -18.25
CA MET B 221 0.88 -7.95 -16.85
C MET B 221 0.16 -6.66 -16.50
N ASP B 222 -0.69 -6.71 -15.48
CA ASP B 222 -1.46 -5.56 -15.08
C ASP B 222 -0.73 -4.81 -13.98
N GLY B 223 -1.15 -3.57 -13.74
CA GLY B 223 -0.50 -2.75 -12.75
C GLY B 223 -0.71 -3.34 -11.36
N PRO B 224 0.13 -2.96 -10.42
CA PRO B 224 0.11 -3.60 -9.10
C PRO B 224 -1.14 -3.20 -8.33
N LYS B 225 -1.75 -4.17 -7.66
CA LYS B 225 -2.90 -3.94 -6.80
C LYS B 225 -2.57 -4.58 -5.45
N VAL B 226 -1.89 -3.82 -4.59
CA VAL B 226 -1.46 -4.33 -3.28
C VAL B 226 -1.93 -3.35 -2.22
N LYS B 227 -2.75 -3.83 -1.30
CA LYS B 227 -3.39 -2.95 -0.33
C LYS B 227 -2.40 -2.49 0.74
N GLN B 228 -2.66 -1.32 1.30
CA GLN B 228 -1.74 -0.71 2.23
C GLN B 228 -1.98 -1.19 3.65
N TRP B 229 -0.90 -1.51 4.34
CA TRP B 229 -0.98 -1.91 5.73
C TRP B 229 -1.14 -0.69 6.62
N PRO B 230 -1.70 -0.86 7.81
CA PRO B 230 -2.01 0.30 8.64
C PRO B 230 -0.76 1.03 9.11
N LEU B 231 -0.92 2.30 9.42
CA LEU B 231 0.18 3.16 9.80
C LEU B 231 -0.10 3.84 11.12
N THR B 232 0.95 4.32 11.76
CA THR B 232 0.79 4.97 13.06
C THR B 232 0.32 6.41 12.89
N GLU B 233 -0.20 6.98 13.98
CA GLU B 233 -0.82 8.29 13.89
C GLU B 233 0.17 9.37 13.53
N GLU B 234 1.36 9.34 14.14
CA GLU B 234 2.36 10.34 13.79
C GLU B 234 2.84 10.15 12.36
N LYS B 235 2.97 8.89 11.94
CA LYS B 235 3.40 8.63 10.57
C LYS B 235 2.41 9.18 9.57
N ILE B 236 1.11 8.97 9.79
CA ILE B 236 0.11 9.50 8.87
C ILE B 236 0.04 11.02 8.97
N LYS B 237 0.17 11.55 10.18
CA LYS B 237 0.11 13.00 10.36
C LYS B 237 1.22 13.69 9.59
N ALA B 238 2.44 13.14 9.65
CA ALA B 238 3.54 13.73 8.90
C ALA B 238 3.42 13.44 7.41
N LEU B 239 2.93 12.25 7.05
CA LEU B 239 2.82 11.88 5.66
C LEU B 239 1.86 12.81 4.94
N VAL B 240 0.79 13.21 5.60
CA VAL B 240 -0.14 14.15 4.98
C VAL B 240 0.57 15.44 4.65
N GLU B 241 1.38 15.94 5.59
CA GLU B 241 2.11 17.17 5.34
C GLU B 241 3.03 17.03 4.14
N ILE B 242 3.79 15.93 4.11
CA ILE B 242 4.75 15.75 3.02
C ILE B 242 4.03 15.66 1.68
N CYS B 243 2.98 14.85 1.61
CA CYS B 243 2.30 14.66 0.33
C CYS B 243 1.59 15.91 -0.14
N THR B 244 0.94 16.63 0.76
CA THR B 244 0.30 17.87 0.36
C THR B 244 1.31 18.90 -0.10
N GLU B 245 2.45 19.03 0.59
CA GLU B 245 3.48 19.91 0.11
C GLU B 245 3.92 19.51 -1.29
N MET B 246 4.05 18.20 -1.53
CA MET B 246 4.43 17.75 -2.86
C MET B 246 3.41 18.17 -3.90
N GLU B 247 2.13 18.01 -3.63
CA GLU B 247 1.13 18.41 -4.61
C GLU B 247 1.13 19.92 -4.80
N LYS B 248 1.50 20.68 -3.77
CA LYS B 248 1.59 22.12 -3.91
C LYS B 248 2.67 22.52 -4.91
N GLU B 249 3.71 21.70 -5.05
CA GLU B 249 4.78 21.96 -6.00
C GLU B 249 4.58 21.22 -7.31
N GLY B 250 3.41 20.64 -7.53
CA GLY B 250 3.11 20.00 -8.78
C GLY B 250 3.65 18.59 -8.92
N LYS B 251 4.16 18.00 -7.85
CA LYS B 251 4.83 16.71 -7.98
C LYS B 251 3.84 15.56 -8.13
N ILE B 252 2.70 15.61 -7.44
CA ILE B 252 1.69 14.55 -7.52
C ILE B 252 0.32 15.19 -7.67
N SER B 253 -0.58 14.45 -8.32
CA SER B 253 -1.95 14.91 -8.54
C SER B 253 -2.94 13.88 -8.02
N LYS B 254 -3.98 14.36 -7.37
CA LYS B 254 -4.96 13.46 -6.76
C LYS B 254 -5.83 12.81 -7.82
N ILE B 255 -6.33 11.61 -7.50
CA ILE B 255 -7.12 10.82 -8.44
C ILE B 255 -8.38 10.35 -7.75
N GLY B 256 -9.31 9.82 -8.55
CA GLY B 256 -10.55 9.29 -8.06
C GLY B 256 -10.51 7.79 -7.95
N PRO B 257 -11.66 7.15 -8.14
CA PRO B 257 -11.75 5.69 -8.00
C PRO B 257 -11.54 4.91 -9.29
N GLU B 258 -11.38 5.59 -10.42
CA GLU B 258 -11.17 4.89 -11.68
C GLU B 258 -9.82 4.20 -11.75
N ASN B 259 -8.88 4.53 -10.87
CA ASN B 259 -7.60 3.86 -10.86
C ASN B 259 -7.62 2.77 -9.81
N PRO B 260 -7.72 1.50 -10.19
CA PRO B 260 -7.75 0.42 -9.20
C PRO B 260 -6.40 0.05 -8.63
N TYR B 261 -5.32 0.45 -9.28
CA TYR B 261 -3.98 0.11 -8.81
C TYR B 261 -3.66 0.85 -7.52
N ASN B 262 -2.65 0.35 -6.83
CA ASN B 262 -2.15 0.98 -5.60
C ASN B 262 -0.88 0.29 -5.17
N THR B 263 0.06 1.06 -4.63
CA THR B 263 1.27 0.54 -4.04
C THR B 263 1.44 1.14 -2.65
N PRO B 264 1.92 0.36 -1.69
CA PRO B 264 1.94 0.83 -0.30
C PRO B 264 2.95 1.94 -0.08
N VAL B 265 2.76 2.67 1.02
CA VAL B 265 3.61 3.78 1.36
C VAL B 265 3.90 3.76 2.85
N PHE B 266 5.08 4.23 3.23
CA PHE B 266 5.40 4.40 4.63
C PHE B 266 6.48 5.45 4.80
N ALA B 267 6.22 6.41 5.68
CA ALA B 267 7.16 7.50 5.92
C ALA B 267 8.12 7.11 7.03
N ILE B 268 9.39 7.42 6.83
CA ILE B 268 10.49 6.94 7.67
C ILE B 268 11.41 8.12 7.98
N LYS B 269 12.49 7.83 8.70
CA LYS B 269 13.55 8.81 8.94
C LYS B 269 14.87 8.17 8.59
N LYS B 270 15.54 8.69 7.56
CA LYS B 270 16.77 8.08 7.07
C LYS B 270 17.92 8.27 8.05
N LYS B 271 18.14 9.49 8.51
CA LYS B 271 19.25 9.83 9.38
C LYS B 271 18.72 10.51 10.64
N ASP B 272 19.66 11.03 11.43
CA ASP B 272 19.30 11.71 12.67
C ASP B 272 18.53 13.01 12.42
N SER B 273 18.49 13.50 11.20
CA SER B 273 17.75 14.73 10.92
C SER B 273 16.26 14.52 11.17
N THR B 274 15.66 15.47 11.88
CA THR B 274 14.26 15.37 12.29
C THR B 274 13.34 15.84 11.14
N LYS B 275 13.19 14.96 10.16
CA LYS B 275 12.32 15.22 9.04
C LYS B 275 11.98 13.88 8.38
N TRP B 276 10.70 13.55 8.34
CA TRP B 276 10.28 12.31 7.72
C TRP B 276 10.50 12.35 6.22
N ARG B 277 10.57 11.18 5.61
CA ARG B 277 10.54 11.04 4.16
C ARG B 277 9.81 9.76 3.82
N LYS B 278 9.01 9.80 2.76
CA LYS B 278 8.14 8.68 2.45
C LYS B 278 8.81 7.72 1.49
N LEU B 279 8.43 6.45 1.59
CA LEU B 279 8.88 5.41 0.67
C LEU B 279 7.66 4.75 0.05
N VAL B 280 7.80 4.34 -1.20
CA VAL B 280 6.75 3.60 -1.87
C VAL B 280 7.30 2.22 -2.22
N ASP B 281 6.66 1.19 -1.69
CA ASP B 281 7.06 -0.18 -1.96
C ASP B 281 6.68 -0.49 -3.39
N PHE B 282 7.59 -0.25 -4.32
CA PHE B 282 7.36 -0.57 -5.72
C PHE B 282 7.87 -1.96 -6.07
N ARG B 283 7.88 -2.87 -5.10
CA ARG B 283 8.35 -4.22 -5.38
C ARG B 283 7.52 -4.86 -6.48
N GLU B 284 6.21 -4.67 -6.43
CA GLU B 284 5.36 -5.21 -7.48
C GLU B 284 5.53 -4.45 -8.79
N LEU B 285 5.68 -3.13 -8.72
CA LEU B 285 5.84 -2.36 -9.94
C LEU B 285 7.19 -2.61 -10.59
N ASN B 286 8.24 -2.76 -9.79
CA ASN B 286 9.53 -3.11 -10.36
C ASN B 286 9.49 -4.49 -10.99
N LYS B 287 8.86 -5.46 -10.32
CA LYS B 287 8.76 -6.78 -10.90
C LYS B 287 7.97 -6.76 -12.19
N ARG B 288 6.86 -6.04 -12.21
CA ARG B 288 6.05 -5.99 -13.41
C ARG B 288 6.79 -5.34 -14.56
N THR B 289 7.46 -4.24 -14.29
CA THR B 289 8.15 -3.46 -15.32
C THR B 289 9.60 -3.88 -15.49
N GLN B 290 9.89 -5.16 -15.24
CA GLN B 290 11.24 -5.68 -15.41
C GLN B 290 11.68 -5.68 -16.86
N ASP B 291 10.74 -5.71 -17.81
CA ASP B 291 11.13 -5.67 -19.21
C ASP B 291 11.79 -4.35 -19.57
N PHE B 292 11.33 -3.25 -18.99
CA PHE B 292 11.88 -1.95 -19.37
C PHE B 292 13.33 -1.79 -18.94
N TRP B 293 13.82 -2.65 -18.03
CA TRP B 293 15.24 -2.64 -17.75
C TRP B 293 16.05 -3.24 -18.89
N GLU B 294 15.56 -4.31 -19.51
CA GLU B 294 16.33 -4.98 -20.54
C GLU B 294 16.64 -4.08 -21.71
N VAL B 295 15.86 -3.02 -21.92
CA VAL B 295 16.13 -2.10 -23.02
C VAL B 295 17.37 -1.27 -22.70
N GLN B 296 17.69 -1.11 -21.42
CA GLN B 296 18.84 -0.32 -21.00
C GLN B 296 19.60 -1.06 -19.90
N LEU B 297 20.75 -1.61 -20.24
CA LEU B 297 21.62 -2.28 -19.27
C LEU B 297 22.84 -1.41 -18.99
N GLY B 298 23.24 -1.36 -17.73
CA GLY B 298 24.45 -0.64 -17.35
C GLY B 298 25.67 -1.52 -17.42
N ILE B 299 26.37 -1.49 -18.55
CA ILE B 299 27.46 -2.40 -18.84
C ILE B 299 28.75 -1.59 -18.98
N PRO B 300 29.82 -1.94 -18.27
CA PRO B 300 29.79 -3.02 -17.27
C PRO B 300 29.51 -2.51 -15.86
N HIS B 301 29.01 -3.37 -14.98
CA HIS B 301 28.95 -2.98 -13.58
C HIS B 301 30.36 -2.81 -13.04
N PRO B 302 30.61 -1.79 -12.24
CA PRO B 302 31.99 -1.53 -11.79
C PRO B 302 32.47 -2.62 -10.86
N ALA B 303 33.47 -3.36 -11.28
CA ALA B 303 34.05 -4.37 -10.40
C ALA B 303 35.11 -3.80 -9.48
N GLY B 304 35.51 -2.55 -9.68
CA GLY B 304 36.50 -1.95 -8.81
C GLY B 304 35.97 -1.47 -7.48
N LEU B 305 34.66 -1.26 -7.36
CA LEU B 305 34.10 -0.86 -6.08
C LEU B 305 34.36 -1.90 -5.02
N LYS B 306 34.46 -3.16 -5.44
CA LYS B 306 34.74 -4.25 -4.52
C LYS B 306 36.09 -4.08 -3.85
N LYS B 307 37.00 -3.33 -4.46
CA LYS B 307 38.36 -3.21 -3.96
C LYS B 307 38.65 -1.88 -3.29
N LYS B 308 37.69 -0.97 -3.24
CA LYS B 308 37.97 0.36 -2.74
C LYS B 308 38.23 0.35 -1.24
N LYS B 309 38.97 1.35 -0.78
CA LYS B 309 39.25 1.53 0.63
C LYS B 309 38.17 2.31 1.35
N SER B 310 37.26 2.94 0.62
CA SER B 310 36.18 3.71 1.24
C SER B 310 35.13 4.01 0.19
N VAL B 311 33.89 3.59 0.44
CA VAL B 311 32.79 3.87 -0.46
C VAL B 311 31.75 4.66 0.30
N THR B 312 31.45 5.86 -0.19
CA THR B 312 30.50 6.75 0.47
C THR B 312 29.21 6.78 -0.33
N VAL B 313 28.09 6.65 0.37
CA VAL B 313 26.79 6.53 -0.27
C VAL B 313 26.11 7.89 -0.20
N LEU B 314 25.93 8.51 -1.36
CA LEU B 314 25.31 9.83 -1.42
C LEU B 314 23.95 9.70 -2.08
N ASP B 315 22.91 10.15 -1.38
CA ASP B 315 21.56 10.04 -1.88
C ASP B 315 21.33 11.06 -2.99
N VAL B 316 20.81 10.59 -4.12
CA VAL B 316 20.58 11.46 -5.28
C VAL B 316 19.15 11.31 -5.74
N GLY B 317 18.25 11.01 -4.82
CA GLY B 317 16.86 10.81 -5.19
C GLY B 317 16.23 12.05 -5.80
N ASP B 318 16.64 13.22 -5.34
CA ASP B 318 16.03 14.46 -5.78
C ASP B 318 16.23 14.74 -7.25
N ALA B 319 17.12 14.00 -7.92
CA ALA B 319 17.38 14.25 -9.33
C ALA B 319 16.14 13.97 -10.16
N TYR B 320 15.38 12.94 -9.79
CA TYR B 320 14.26 12.51 -10.61
C TYR B 320 13.10 13.50 -10.62
N PHE B 321 13.09 14.47 -9.71
CA PHE B 321 11.94 15.37 -9.60
C PHE B 321 11.79 16.30 -10.80
N SER B 322 12.79 16.38 -11.67
CA SER B 322 12.73 17.30 -12.78
C SER B 322 12.47 16.63 -14.12
N VAL B 323 12.45 15.31 -14.18
CA VAL B 323 12.24 14.59 -15.43
C VAL B 323 10.88 13.90 -15.36
N PRO B 324 9.86 14.42 -16.02
CA PRO B 324 8.51 13.88 -15.84
C PRO B 324 8.36 12.53 -16.54
N LEU B 325 7.26 11.87 -16.21
CA LEU B 325 6.98 10.52 -16.67
C LEU B 325 6.15 10.52 -17.95
N ASP B 326 6.25 9.43 -18.69
CA ASP B 326 5.35 9.21 -19.83
C ASP B 326 3.93 9.04 -19.33
N GLU B 327 3.00 9.77 -19.96
CA GLU B 327 1.69 9.99 -19.35
C GLU B 327 0.93 8.69 -19.16
N ASP B 328 0.97 7.80 -20.15
CA ASP B 328 0.14 6.60 -20.13
C ASP B 328 0.53 5.66 -19.00
N PHE B 329 1.67 5.85 -18.38
CA PHE B 329 2.10 5.02 -17.27
C PHE B 329 1.89 5.73 -15.93
N ARG B 330 1.56 7.01 -15.93
CA ARG B 330 1.31 7.73 -14.68
C ARG B 330 0.25 7.03 -13.85
N LYS B 331 -0.73 6.42 -14.50
CA LYS B 331 -1.84 5.81 -13.77
C LYS B 331 -1.36 4.71 -12.86
N TYR B 332 -0.24 4.08 -13.20
CA TYR B 332 0.17 2.89 -12.46
C TYR B 332 0.74 3.25 -11.11
N THR B 333 1.37 4.40 -10.99
CA THR B 333 1.91 4.85 -9.71
C THR B 333 0.80 5.55 -8.95
N ALA B 334 0.11 4.81 -8.10
CA ALA B 334 -0.92 5.38 -7.25
C ALA B 334 -0.71 4.84 -5.84
N PHE B 335 -1.03 5.66 -4.85
CA PHE B 335 -0.93 5.25 -3.47
C PHE B 335 -2.00 5.94 -2.66
N THR B 336 -2.31 5.37 -1.51
CA THR B 336 -3.32 5.91 -0.61
C THR B 336 -2.71 6.08 0.77
N ILE B 337 -2.89 7.25 1.37
CA ILE B 337 -2.45 7.51 2.73
C ILE B 337 -3.65 7.32 3.65
N PRO B 338 -3.83 6.16 4.25
CA PRO B 338 -5.10 5.86 4.91
C PRO B 338 -5.28 6.68 6.18
N SER B 339 -6.53 6.80 6.58
CA SER B 339 -6.91 7.57 7.74
C SER B 339 -7.30 6.64 8.87
N ILE B 340 -7.05 7.10 10.10
CA ILE B 340 -7.33 6.30 11.27
C ILE B 340 -8.80 5.95 11.31
N ASN B 341 -9.08 4.70 11.67
CA ASN B 341 -10.44 4.23 11.93
C ASN B 341 -11.28 4.29 10.67
N ASN B 342 -10.64 4.51 9.53
CA ASN B 342 -11.32 4.57 8.24
C ASN B 342 -12.45 5.60 8.28
N GLU B 343 -12.16 6.76 8.85
CA GLU B 343 -13.14 7.85 8.89
C GLU B 343 -13.24 8.53 7.54
N THR B 344 -12.16 9.11 7.06
CA THR B 344 -12.14 9.59 5.69
C THR B 344 -11.59 8.48 4.78
N PRO B 345 -12.10 8.37 3.56
CA PRO B 345 -11.79 7.18 2.75
C PRO B 345 -10.32 6.99 2.46
N GLY B 346 -9.55 8.05 2.32
CA GLY B 346 -8.14 7.87 2.03
C GLY B 346 -7.74 8.54 0.75
N ILE B 347 -6.83 9.50 0.85
CA ILE B 347 -6.51 10.38 -0.26
C ILE B 347 -5.58 9.65 -1.21
N ARG B 348 -6.05 9.37 -2.41
CA ARG B 348 -5.29 8.60 -3.38
C ARG B 348 -4.70 9.54 -4.43
N TYR B 349 -3.39 9.47 -4.61
CA TYR B 349 -2.66 10.33 -5.53
C TYR B 349 -2.05 9.50 -6.64
N GLN B 350 -1.58 10.18 -7.68
CA GLN B 350 -0.73 9.56 -8.68
C GLN B 350 0.53 10.37 -8.84
N TYR B 351 1.61 9.70 -9.20
CA TYR B 351 2.90 10.35 -9.39
C TYR B 351 2.93 10.98 -10.77
N ASN B 352 3.17 12.28 -10.84
CA ASN B 352 3.32 12.92 -12.15
C ASN B 352 4.77 12.94 -12.59
N VAL B 353 5.68 13.28 -11.68
CA VAL B 353 7.12 13.17 -11.94
C VAL B 353 7.55 11.74 -11.67
N LEU B 354 8.78 11.39 -12.03
CA LEU B 354 9.24 10.02 -11.88
C LEU B 354 9.28 9.63 -10.42
N PRO B 355 9.04 8.37 -10.12
CA PRO B 355 9.08 7.89 -8.74
C PRO B 355 10.51 7.83 -8.23
N GLN B 356 10.67 7.33 -7.00
CA GLN B 356 11.99 7.10 -6.44
C GLN B 356 12.41 5.65 -6.56
N GLY B 357 11.60 4.75 -6.03
CA GLY B 357 11.96 3.34 -6.04
C GLY B 357 11.61 2.59 -7.31
N TRP B 358 11.03 3.26 -8.30
CA TRP B 358 10.68 2.57 -9.54
C TRP B 358 11.93 2.15 -10.27
N LYS B 359 11.90 0.95 -10.85
CA LYS B 359 13.07 0.42 -11.55
C LYS B 359 13.52 1.36 -12.65
N GLY B 360 12.58 1.89 -13.41
CA GLY B 360 12.95 2.80 -14.48
C GLY B 360 13.32 4.18 -14.02
N SER B 361 13.17 4.49 -12.73
CA SER B 361 13.46 5.85 -12.27
C SER B 361 14.90 6.25 -12.58
N PRO B 362 15.92 5.45 -12.28
CA PRO B 362 17.25 5.79 -12.78
C PRO B 362 17.45 5.46 -14.24
N ALA B 363 16.66 4.56 -14.80
CA ALA B 363 16.85 4.21 -16.20
C ALA B 363 16.60 5.40 -17.10
N ILE B 364 15.61 6.21 -16.77
CA ILE B 364 15.36 7.42 -17.55
C ILE B 364 16.47 8.43 -17.32
N PHE B 365 16.94 8.55 -16.09
CA PHE B 365 17.89 9.60 -15.74
C PHE B 365 19.33 9.22 -15.98
N GLN B 366 19.59 8.00 -16.45
CA GLN B 366 20.96 7.52 -16.59
C GLN B 366 21.75 8.36 -17.58
N SER B 367 21.21 8.53 -18.78
CA SER B 367 21.92 9.32 -19.78
C SER B 367 22.01 10.78 -19.36
N SER B 368 20.97 11.29 -18.72
CA SER B 368 21.00 12.68 -18.29
C SER B 368 22.08 12.89 -17.24
N MET B 369 22.18 11.99 -16.27
CA MET B 369 23.14 12.17 -15.19
C MET B 369 24.56 11.98 -15.69
N THR B 370 24.81 10.89 -16.44
CA THR B 370 26.17 10.60 -16.85
C THR B 370 26.77 11.77 -17.61
N LYS B 371 25.92 12.60 -18.21
CA LYS B 371 26.39 13.85 -18.77
C LYS B 371 27.02 14.71 -17.69
N ILE B 372 26.36 14.80 -16.53
CA ILE B 372 26.88 15.66 -15.47
C ILE B 372 28.15 15.06 -14.87
N LEU B 373 28.25 13.73 -14.86
CA LEU B 373 29.43 13.10 -14.29
C LEU B 373 30.63 13.15 -15.23
N GLU B 374 30.45 13.51 -16.49
CA GLU B 374 31.57 13.45 -17.43
C GLU B 374 32.78 14.24 -16.95
N PRO B 375 32.65 15.48 -16.46
CA PRO B 375 33.85 16.15 -15.95
C PRO B 375 34.53 15.36 -14.87
N PHE B 376 33.75 14.73 -14.00
CA PHE B 376 34.33 14.09 -12.83
C PHE B 376 35.14 12.88 -13.22
N LYS B 377 34.58 11.99 -14.04
CA LYS B 377 35.35 10.86 -14.50
C LYS B 377 36.47 11.29 -15.43
N LYS B 378 36.39 12.51 -15.97
CA LYS B 378 37.45 12.99 -16.83
C LYS B 378 38.71 13.30 -16.05
N GLN B 379 38.56 13.81 -14.83
CA GLN B 379 39.65 14.47 -14.13
C GLN B 379 40.22 13.69 -12.97
N ASN B 380 39.61 12.58 -12.58
CA ASN B 380 40.10 11.73 -11.49
C ASN B 380 39.65 10.30 -11.73
N PRO B 381 40.28 9.59 -12.68
CA PRO B 381 39.76 8.26 -13.04
C PRO B 381 39.68 7.30 -11.87
N ASP B 382 40.56 7.42 -10.88
CA ASP B 382 40.62 6.43 -9.81
C ASP B 382 39.35 6.41 -8.97
N ILE B 383 38.49 7.40 -9.12
CA ILE B 383 37.18 7.37 -8.48
C ILE B 383 36.25 6.50 -9.32
N VAL B 384 35.55 5.58 -8.66
CA VAL B 384 34.50 4.80 -9.28
C VAL B 384 33.17 5.27 -8.72
N ILE B 385 32.29 5.74 -9.60
CA ILE B 385 31.00 6.29 -9.20
C ILE B 385 29.92 5.42 -9.83
N TYR B 386 29.15 4.76 -8.98
CA TYR B 386 28.14 3.82 -9.43
C TYR B 386 26.84 4.11 -8.70
N GLN B 387 25.72 3.90 -9.38
CA GLN B 387 24.45 4.37 -8.91
C GLN B 387 23.46 3.22 -8.77
N TYR B 388 22.48 3.42 -7.89
CA TYR B 388 21.41 2.46 -7.72
C TYR B 388 20.14 3.27 -7.53
N MET B 389 19.07 2.59 -7.11
CA MET B 389 17.72 3.11 -7.26
C MET B 389 17.61 4.55 -6.79
N ASP B 390 18.36 4.91 -5.76
CA ASP B 390 18.33 6.27 -5.25
C ASP B 390 19.70 6.79 -4.87
N ASP B 391 20.73 5.98 -4.93
CA ASP B 391 21.97 6.24 -4.20
C ASP B 391 23.15 6.27 -5.14
N LEU B 392 24.15 7.04 -4.75
CA LEU B 392 25.39 7.17 -5.49
C LEU B 392 26.52 6.65 -4.61
N TYR B 393 27.24 5.65 -5.10
CA TYR B 393 28.38 5.10 -4.39
C TYR B 393 29.65 5.66 -5.04
N VAL B 394 30.46 6.35 -4.25
CA VAL B 394 31.70 6.95 -4.73
C VAL B 394 32.84 6.29 -3.99
N GLY B 395 33.81 5.77 -4.74
CA GLY B 395 34.89 5.00 -4.16
C GLY B 395 36.23 5.58 -4.56
N SER B 396 37.20 5.43 -3.65
CA SER B 396 38.51 6.00 -3.84
C SER B 396 39.47 5.29 -2.90
N ASP B 397 40.40 4.52 -3.48
CA ASP B 397 41.38 3.77 -2.70
C ASP B 397 42.54 4.69 -2.31
N LEU B 398 42.18 5.75 -1.60
CA LEU B 398 43.10 6.74 -1.11
C LEU B 398 43.09 6.73 0.41
N GLU B 399 43.93 7.57 1.00
CA GLU B 399 43.82 7.82 2.43
C GLU B 399 42.49 8.48 2.71
N ILE B 400 41.90 8.14 3.85
CA ILE B 400 40.57 8.65 4.16
C ILE B 400 40.55 10.16 4.21
N GLY B 401 41.71 10.77 4.50
CA GLY B 401 41.75 12.21 4.62
C GLY B 401 41.32 12.92 3.36
N GLN B 402 41.86 12.50 2.22
CA GLN B 402 41.47 13.13 0.96
C GLN B 402 40.27 12.44 0.31
N HIS B 403 39.98 11.20 0.69
CA HIS B 403 38.70 10.63 0.27
C HIS B 403 37.57 11.51 0.75
N ARG B 404 37.58 11.85 2.03
CA ARG B 404 36.57 12.75 2.54
C ARG B 404 36.67 14.11 1.86
N THR B 405 37.86 14.45 1.36
CA THR B 405 38.03 15.74 0.69
C THR B 405 37.31 15.77 -0.65
N LYS B 406 37.50 14.73 -1.46
CA LYS B 406 36.82 14.67 -2.74
C LYS B 406 35.33 14.40 -2.57
N ILE B 407 34.92 13.84 -1.44
CA ILE B 407 33.49 13.70 -1.20
C ILE B 407 32.83 15.06 -1.18
N GLU B 408 33.44 16.03 -0.49
CA GLU B 408 32.88 17.37 -0.44
C GLU B 408 32.83 18.00 -1.81
N GLU B 409 33.90 17.86 -2.58
CA GLU B 409 33.91 18.43 -3.92
C GLU B 409 32.85 17.80 -4.80
N LEU B 410 32.61 16.49 -4.66
CA LEU B 410 31.58 15.84 -5.44
C LEU B 410 30.20 16.35 -5.05
N ARG B 411 29.99 16.58 -3.75
CA ARG B 411 28.73 17.16 -3.31
C ARG B 411 28.54 18.54 -3.90
N GLN B 412 29.60 19.36 -3.90
CA GLN B 412 29.50 20.69 -4.46
C GLN B 412 29.28 20.64 -5.97
N HIS B 413 29.92 19.71 -6.65
CA HIS B 413 29.71 19.54 -8.08
C HIS B 413 28.27 19.15 -8.37
N LEU B 414 27.71 18.26 -7.57
CA LEU B 414 26.35 17.83 -7.80
C LEU B 414 25.35 18.95 -7.54
N LEU B 415 25.48 19.62 -6.41
CA LEU B 415 24.54 20.71 -6.13
C LEU B 415 24.77 21.90 -7.04
N ARG B 416 25.94 22.00 -7.65
CA ARG B 416 26.22 23.14 -8.52
C ARG B 416 25.42 23.07 -9.81
N TRP B 417 25.14 21.86 -10.29
CA TRP B 417 24.29 21.67 -11.46
C TRP B 417 22.91 21.13 -11.07
N GLY B 418 22.40 21.56 -9.92
CA GLY B 418 21.00 21.41 -9.60
C GLY B 418 20.57 20.07 -9.05
N LEU B 419 21.48 19.12 -8.89
CA LEU B 419 21.10 17.85 -8.29
C LEU B 419 21.31 17.93 -6.78
N THR B 420 21.01 16.85 -6.07
CA THR B 420 21.30 16.78 -4.64
C THR B 420 21.32 15.33 -4.16
N TYR B 437 29.09 5.08 11.31
CA TYR B 437 29.58 3.97 10.50
C TYR B 437 29.99 4.43 9.10
N GLU B 438 31.00 3.75 8.55
CA GLU B 438 31.50 4.02 7.20
C GLU B 438 31.56 2.69 6.46
N LEU B 439 31.53 2.74 5.13
CA LEU B 439 31.49 1.54 4.33
C LEU B 439 32.87 1.26 3.77
N HIS B 440 33.44 0.10 4.12
CA HIS B 440 34.82 -0.23 3.79
C HIS B 440 34.95 -1.63 3.21
N PRO B 441 34.91 -1.79 1.88
CA PRO B 441 34.98 -3.13 1.30
C PRO B 441 36.26 -3.87 1.61
N ASP B 442 37.38 -3.17 1.75
CA ASP B 442 38.64 -3.86 2.02
C ASP B 442 38.59 -4.59 3.35
N LYS B 443 38.09 -3.92 4.39
CA LYS B 443 38.00 -4.53 5.71
C LYS B 443 36.99 -5.67 5.74
N TRP B 444 36.12 -5.75 4.74
CA TRP B 444 35.17 -6.84 4.69
C TRP B 444 35.89 -8.18 4.48
N THR B 445 35.51 -9.17 5.28
CA THR B 445 36.23 -10.44 5.33
C THR B 445 35.24 -11.60 5.40
N VAL B 446 35.70 -12.76 4.98
CA VAL B 446 34.88 -13.98 4.94
C VAL B 446 35.19 -14.83 6.16
N GLN B 447 34.20 -15.04 7.01
CA GLN B 447 34.43 -15.78 8.24
C GLN B 447 34.42 -17.28 7.97
N PRO B 448 35.47 -18.00 8.32
CA PRO B 448 35.48 -19.45 8.16
C PRO B 448 34.67 -20.14 9.25
N ILE B 449 34.71 -21.46 9.23
CA ILE B 449 34.05 -22.31 10.22
C ILE B 449 35.11 -23.04 11.00
N VAL B 450 35.01 -23.02 12.34
CA VAL B 450 36.04 -23.61 13.17
C VAL B 450 35.45 -24.76 13.97
N LEU B 451 36.34 -25.62 14.47
CA LEU B 451 36.00 -26.84 15.17
C LEU B 451 36.66 -26.88 16.54
N PRO B 452 35.95 -27.31 17.57
CA PRO B 452 36.50 -27.30 18.92
C PRO B 452 37.63 -28.30 19.07
N GLU B 453 38.54 -27.99 20.00
CA GLU B 453 39.74 -28.78 20.23
C GLU B 453 40.02 -28.91 21.71
N LYS B 454 38.99 -29.22 22.48
CA LYS B 454 39.15 -29.26 23.93
C LYS B 454 40.22 -30.27 24.34
N ASP B 455 40.89 -29.99 25.45
CA ASP B 455 42.00 -30.82 25.87
C ASP B 455 41.55 -32.24 26.17
N SER B 456 40.42 -32.38 26.85
CA SER B 456 39.84 -33.69 27.13
C SER B 456 38.35 -33.63 26.80
N TRP B 457 38.00 -34.05 25.61
CA TRP B 457 36.60 -34.12 25.22
C TRP B 457 35.99 -35.42 25.75
N THR B 458 34.66 -35.46 25.76
CA THR B 458 33.94 -36.63 26.23
C THR B 458 33.05 -37.14 25.12
N VAL B 459 32.43 -38.30 25.37
CA VAL B 459 31.75 -39.03 24.31
C VAL B 459 30.67 -38.18 23.67
N ASN B 460 30.06 -37.29 24.46
CA ASN B 460 29.09 -36.36 23.90
C ASN B 460 29.72 -35.44 22.89
N ASP B 461 30.93 -34.98 23.17
CA ASP B 461 31.57 -34.00 22.31
C ASP B 461 31.85 -34.57 20.92
N ILE B 462 32.30 -35.83 20.86
CA ILE B 462 32.56 -36.46 19.58
C ILE B 462 31.27 -36.65 18.81
N GLN B 463 30.20 -37.02 19.51
CA GLN B 463 28.92 -37.16 18.85
C GLN B 463 28.46 -35.86 18.22
N LYS B 464 28.54 -34.77 18.99
CA LYS B 464 28.15 -33.46 18.45
C LYS B 464 29.06 -33.05 17.30
N LEU B 465 30.36 -33.27 17.44
CA LEU B 465 31.30 -32.88 16.40
C LEU B 465 31.05 -33.64 15.11
N VAL B 466 30.79 -34.94 15.22
CA VAL B 466 30.46 -35.71 14.02
C VAL B 466 29.16 -35.23 13.42
N GLY B 467 28.16 -34.97 14.25
CA GLY B 467 26.89 -34.49 13.73
C GLY B 467 27.06 -33.17 12.98
N LYS B 468 27.96 -32.33 13.46
CA LYS B 468 28.23 -31.09 12.76
C LYS B 468 28.99 -31.36 11.48
N LEU B 469 30.03 -32.18 11.56
CA LEU B 469 30.92 -32.34 10.43
C LEU B 469 30.23 -32.98 9.25
N ASN B 470 29.43 -34.02 9.47
CA ASN B 470 28.80 -34.70 8.35
C ASN B 470 27.93 -33.73 7.55
N TRP B 471 27.44 -32.68 8.18
CA TRP B 471 26.78 -31.63 7.43
C TRP B 471 27.76 -30.85 6.57
N ALA B 472 29.01 -30.74 7.03
CA ALA B 472 29.96 -29.89 6.31
C ALA B 472 30.33 -30.47 4.96
N SER B 473 30.12 -31.76 4.73
CA SER B 473 30.50 -32.36 3.46
C SER B 473 29.71 -31.72 2.33
N GLN B 474 28.52 -31.22 2.62
CA GLN B 474 27.71 -30.57 1.59
C GLN B 474 28.31 -29.25 1.15
N ILE B 475 29.29 -28.73 1.86
CA ILE B 475 30.02 -27.56 1.45
C ILE B 475 31.43 -27.91 0.98
N TYR B 476 32.22 -28.52 1.86
CA TYR B 476 33.58 -28.88 1.51
C TYR B 476 33.61 -30.37 1.24
N PRO B 477 33.66 -30.82 0.00
CA PRO B 477 33.57 -32.26 -0.28
C PRO B 477 34.71 -33.07 0.29
N GLY B 478 35.89 -32.49 0.45
CA GLY B 478 37.03 -33.30 0.85
C GLY B 478 37.04 -33.65 2.32
N ILE B 479 35.95 -34.22 2.82
CA ILE B 479 35.80 -34.51 4.25
C ILE B 479 35.59 -36.00 4.43
N LYS B 480 36.37 -36.60 5.31
CA LYS B 480 36.27 -38.01 5.64
C LYS B 480 36.34 -38.14 7.15
N VAL B 481 35.37 -38.85 7.72
CA VAL B 481 35.23 -38.99 9.16
C VAL B 481 35.22 -40.44 9.61
N ARG B 482 35.40 -41.40 8.68
CA ARG B 482 35.22 -42.81 9.02
C ARG B 482 36.11 -43.22 10.18
N GLN B 483 37.28 -42.58 10.32
CA GLN B 483 38.06 -42.81 11.52
C GLN B 483 37.36 -42.23 12.74
N LEU B 484 36.83 -41.02 12.61
CA LEU B 484 36.31 -40.33 13.78
C LEU B 484 35.12 -41.07 14.37
N CYS B 485 34.24 -41.57 13.53
CA CYS B 485 33.06 -42.26 14.01
C CYS B 485 33.38 -43.63 14.59
N LYS B 486 34.64 -43.89 14.92
CA LYS B 486 35.02 -45.23 15.34
C LYS B 486 34.26 -45.72 16.56
N LEU B 487 33.66 -44.82 17.34
CA LEU B 487 32.71 -45.22 18.37
C LEU B 487 31.54 -44.26 18.39
N ALA B 493 30.07 -44.19 29.80
CA ALA B 493 31.16 -43.69 28.98
C ALA B 493 31.12 -42.17 28.87
N LEU B 494 29.97 -41.64 28.41
CA LEU B 494 29.82 -40.21 28.19
C LEU B 494 29.80 -39.41 29.48
N THR B 495 30.02 -40.05 30.62
CA THR B 495 30.47 -39.36 31.82
C THR B 495 31.97 -39.17 31.84
N GLU B 496 32.70 -39.93 31.04
CA GLU B 496 34.15 -39.90 31.03
C GLU B 496 34.68 -39.39 29.70
N VAL B 497 35.97 -39.16 29.66
CA VAL B 497 36.66 -38.80 28.44
C VAL B 497 37.09 -40.07 27.71
N ILE B 498 37.10 -40.00 26.38
CA ILE B 498 37.64 -41.04 25.53
C ILE B 498 38.78 -40.45 24.73
N PRO B 499 40.03 -40.78 25.06
CA PRO B 499 41.16 -40.20 24.34
C PRO B 499 41.12 -40.59 22.87
N LEU B 500 41.37 -39.63 22.00
CA LEU B 500 41.19 -39.86 20.58
C LEU B 500 42.30 -40.77 20.04
N THR B 501 41.92 -41.59 19.07
CA THR B 501 42.86 -42.51 18.43
C THR B 501 43.73 -41.76 17.43
N GLU B 502 44.96 -42.23 17.29
CA GLU B 502 45.97 -41.48 16.55
C GLU B 502 45.59 -41.30 15.08
N GLU B 503 45.10 -42.36 14.43
CA GLU B 503 44.73 -42.17 13.03
C GLU B 503 43.56 -41.21 12.92
N ALA B 504 42.62 -41.28 13.87
CA ALA B 504 41.58 -40.27 13.93
C ALA B 504 42.20 -38.89 14.14
N GLU B 505 43.22 -38.81 14.99
CA GLU B 505 43.88 -37.53 15.22
C GLU B 505 44.36 -36.93 13.91
N LEU B 506 45.13 -37.71 13.14
CA LEU B 506 45.72 -37.19 11.91
C LEU B 506 44.65 -36.86 10.87
N GLU B 507 43.69 -37.76 10.68
CA GLU B 507 42.64 -37.48 9.71
C GLU B 507 41.86 -36.24 10.10
N LEU B 508 41.53 -36.11 11.38
CA LEU B 508 40.76 -34.96 11.85
C LEU B 508 41.54 -33.68 11.64
N ALA B 509 42.84 -33.70 11.93
CA ALA B 509 43.65 -32.51 11.70
C ALA B 509 43.67 -32.15 10.23
N GLU B 510 43.81 -33.15 9.37
CA GLU B 510 43.79 -32.89 7.94
C GLU B 510 42.48 -32.26 7.53
N ASN B 511 41.38 -32.75 8.10
CA ASN B 511 40.09 -32.16 7.78
C ASN B 511 40.01 -30.74 8.31
N ARG B 512 40.57 -30.48 9.48
CA ARG B 512 40.53 -29.14 10.04
C ARG B 512 41.24 -28.16 9.12
N GLU B 513 42.39 -28.56 8.59
CA GLU B 513 43.10 -27.71 7.64
C GLU B 513 42.25 -27.44 6.41
N ILE B 514 41.59 -28.48 5.89
CA ILE B 514 40.77 -28.30 4.69
C ILE B 514 39.63 -27.33 4.95
N LEU B 515 38.98 -27.44 6.10
CA LEU B 515 37.87 -26.56 6.41
C LEU B 515 38.33 -25.11 6.50
N LYS B 516 39.49 -24.88 7.10
CA LYS B 516 40.03 -23.53 7.23
C LYS B 516 40.79 -23.10 5.99
N GLU B 517 40.12 -23.12 4.84
CA GLU B 517 40.70 -22.62 3.60
C GLU B 517 39.57 -22.01 2.78
N PRO B 518 39.90 -21.15 1.82
CA PRO B 518 38.84 -20.50 1.04
C PRO B 518 37.96 -21.51 0.32
N VAL B 519 36.68 -21.20 0.28
CA VAL B 519 35.71 -22.10 -0.35
C VAL B 519 36.13 -22.34 -1.80
N HIS B 520 35.70 -23.46 -2.35
CA HIS B 520 36.23 -23.92 -3.62
C HIS B 520 35.14 -24.26 -4.62
N GLY B 521 35.47 -24.10 -5.90
CA GLY B 521 34.56 -24.43 -6.98
C GLY B 521 33.28 -23.63 -6.98
N VAL B 522 33.37 -22.34 -6.68
CA VAL B 522 32.20 -21.47 -6.59
C VAL B 522 32.48 -20.19 -7.35
N TYR B 523 31.47 -19.68 -8.05
CA TYR B 523 31.59 -18.40 -8.72
C TYR B 523 30.18 -17.82 -8.85
N TYR B 524 30.05 -16.81 -9.70
CA TYR B 524 28.79 -16.12 -9.88
C TYR B 524 28.23 -16.46 -11.25
N ASP B 525 26.96 -16.84 -11.29
CA ASP B 525 26.20 -16.96 -12.53
C ASP B 525 25.21 -15.83 -12.58
N PRO B 526 25.43 -14.78 -13.38
CA PRO B 526 24.53 -13.63 -13.35
C PRO B 526 23.16 -13.92 -13.92
N SER B 527 22.90 -15.14 -14.35
CA SER B 527 21.62 -15.49 -14.94
C SER B 527 20.56 -15.83 -13.91
N LYS B 528 20.92 -15.98 -12.64
CA LYS B 528 19.96 -16.33 -11.61
C LYS B 528 20.05 -15.33 -10.49
N ASP B 529 18.91 -15.10 -9.83
CA ASP B 529 18.88 -14.14 -8.74
C ASP B 529 19.69 -14.67 -7.56
N LEU B 530 19.73 -13.88 -6.49
CA LEU B 530 20.57 -14.17 -5.36
C LEU B 530 19.71 -14.32 -4.12
N ILE B 531 20.10 -15.24 -3.24
CA ILE B 531 19.33 -15.58 -2.05
C ILE B 531 20.15 -15.25 -0.82
N ALA B 532 19.53 -14.57 0.14
CA ALA B 532 20.18 -14.21 1.39
C ALA B 532 19.44 -14.85 2.54
N GLU B 533 20.11 -15.71 3.29
CA GLU B 533 19.50 -16.45 4.38
C GLU B 533 20.15 -16.02 5.69
N ILE B 534 19.33 -15.54 6.62
CA ILE B 534 19.78 -15.06 7.91
C ILE B 534 19.35 -16.06 8.96
N GLN B 535 20.24 -16.37 9.88
CA GLN B 535 19.97 -17.29 10.97
C GLN B 535 20.46 -16.69 12.27
N LYS B 536 19.63 -16.77 13.32
CA LYS B 536 19.90 -16.10 14.58
C LYS B 536 20.77 -16.96 15.49
N GLN B 537 21.71 -16.31 16.17
CA GLN B 537 22.56 -16.97 17.13
C GLN B 537 22.18 -16.69 18.57
N GLY B 538 21.23 -15.80 18.80
CA GLY B 538 20.52 -15.76 20.07
C GLY B 538 21.25 -15.13 21.23
N GLN B 539 22.37 -14.48 21.02
CA GLN B 539 23.05 -13.80 22.12
C GLN B 539 23.50 -12.43 21.67
N GLY B 540 22.62 -11.70 21.00
CA GLY B 540 23.04 -10.43 20.45
C GLY B 540 23.94 -10.57 19.26
N GLN B 541 23.92 -11.73 18.60
CA GLN B 541 24.74 -11.97 17.43
C GLN B 541 23.88 -12.59 16.34
N TRP B 542 24.32 -12.45 15.10
CA TRP B 542 23.62 -13.03 13.97
C TRP B 542 24.64 -13.57 12.98
N THR B 543 24.21 -14.53 12.18
CA THR B 543 25.02 -15.04 11.08
C THR B 543 24.17 -15.16 9.83
N TYR B 544 24.79 -14.94 8.68
CA TYR B 544 24.07 -14.99 7.41
C TYR B 544 24.88 -15.75 6.37
N GLN B 545 24.17 -16.29 5.41
CA GLN B 545 24.78 -16.96 4.27
C GLN B 545 24.18 -16.36 3.00
N ILE B 546 25.03 -15.94 2.08
CA ILE B 546 24.59 -15.35 0.82
C ILE B 546 24.95 -16.32 -0.29
N TYR B 547 23.93 -16.95 -0.89
CA TYR B 547 24.16 -17.99 -1.87
C TYR B 547 23.22 -17.80 -3.05
N GLN B 548 23.61 -18.36 -4.19
CA GLN B 548 22.76 -18.39 -5.36
C GLN B 548 22.10 -19.74 -5.57
N GLU B 549 22.71 -20.80 -5.06
CA GLU B 549 22.16 -22.16 -5.10
C GLU B 549 22.48 -22.81 -3.77
N PRO B 550 21.73 -23.83 -3.36
CA PRO B 550 21.93 -24.41 -2.04
C PRO B 550 23.30 -25.04 -1.90
N PHE B 551 23.80 -25.03 -0.67
CA PHE B 551 25.07 -25.67 -0.28
C PHE B 551 26.27 -25.09 -1.01
N LYS B 552 26.12 -23.93 -1.66
CA LYS B 552 27.24 -23.27 -2.33
C LYS B 552 27.04 -21.77 -2.10
N ASN B 553 27.79 -21.21 -1.18
CA ASN B 553 27.55 -19.85 -0.71
C ASN B 553 28.64 -18.90 -1.18
N LEU B 554 28.22 -17.69 -1.56
CA LEU B 554 29.17 -16.69 -2.02
C LEU B 554 29.82 -15.97 -0.84
N LYS B 555 29.03 -15.39 0.03
CA LYS B 555 29.57 -14.59 1.12
C LYS B 555 28.96 -15.08 2.42
N THR B 556 29.81 -15.20 3.44
CA THR B 556 29.38 -15.62 4.76
C THR B 556 29.93 -14.65 5.78
N GLY B 557 29.08 -14.25 6.71
CA GLY B 557 29.52 -13.27 7.70
C GLY B 557 28.54 -13.21 8.85
N LYS B 558 28.97 -12.51 9.89
CA LYS B 558 28.20 -12.36 11.12
C LYS B 558 27.91 -10.90 11.37
N TYR B 559 26.82 -10.65 12.07
CA TYR B 559 26.42 -9.31 12.47
C TYR B 559 26.22 -9.29 13.97
N ALA B 560 26.87 -8.35 14.65
CA ALA B 560 26.86 -8.34 16.10
C ALA B 560 26.67 -6.93 16.60
N ARG B 561 25.88 -6.80 17.67
CA ARG B 561 25.71 -5.54 18.36
C ARG B 561 25.28 -5.83 19.78
N MET B 562 26.16 -5.53 20.73
CA MET B 562 25.88 -5.82 22.13
C MET B 562 25.20 -4.65 22.82
N HIS B 566 19.98 -7.79 24.98
CA HIS B 566 19.48 -6.84 25.97
C HIS B 566 18.74 -5.70 25.28
N THR B 567 19.01 -5.51 24.00
CA THR B 567 18.37 -4.46 23.21
C THR B 567 17.13 -5.02 22.53
N ASN B 568 16.57 -4.26 21.60
CA ASN B 568 15.42 -4.73 20.84
C ASN B 568 15.84 -5.82 19.89
N ASP B 569 14.87 -6.61 19.47
CA ASP B 569 15.15 -7.76 18.61
C ASP B 569 14.83 -7.51 17.16
N VAL B 570 13.69 -6.90 16.86
CA VAL B 570 13.37 -6.64 15.47
C VAL B 570 14.36 -5.65 14.88
N LYS B 571 14.84 -4.71 15.69
CA LYS B 571 15.85 -3.77 15.20
C LYS B 571 17.06 -4.52 14.69
N GLN B 572 17.43 -5.62 15.34
CA GLN B 572 18.63 -6.33 14.95
C GLN B 572 18.51 -6.92 13.56
N LEU B 573 17.38 -7.56 13.23
CA LEU B 573 17.21 -8.08 11.88
C LEU B 573 17.18 -6.96 10.86
N THR B 574 16.49 -5.87 11.17
CA THR B 574 16.37 -4.78 10.21
C THR B 574 17.73 -4.18 9.90
N GLU B 575 18.53 -3.92 10.93
CA GLU B 575 19.90 -3.48 10.69
C GLU B 575 20.69 -4.53 9.93
N ALA B 576 20.51 -5.80 10.28
CA ALA B 576 21.20 -6.88 9.59
C ALA B 576 20.78 -6.98 8.14
N VAL B 577 19.47 -6.87 7.88
CA VAL B 577 19.02 -6.90 6.50
C VAL B 577 19.60 -5.75 5.71
N GLN B 578 19.62 -4.57 6.31
CA GLN B 578 20.18 -3.42 5.62
C GLN B 578 21.67 -3.60 5.34
N LYS B 579 22.42 -4.14 6.29
CA LYS B 579 23.84 -4.30 6.03
C LYS B 579 24.10 -5.37 4.98
N ILE B 580 23.32 -6.44 4.99
CA ILE B 580 23.43 -7.43 3.93
C ILE B 580 23.17 -6.77 2.58
N THR B 581 22.12 -5.96 2.48
CA THR B 581 21.79 -5.42 1.17
C THR B 581 22.80 -4.38 0.73
N THR B 582 23.39 -3.61 1.64
CA THR B 582 24.44 -2.68 1.23
C THR B 582 25.65 -3.43 0.70
N GLU B 583 26.08 -4.47 1.41
CA GLU B 583 27.18 -5.26 0.88
C GLU B 583 26.83 -5.87 -0.46
N SER B 584 25.61 -6.37 -0.60
CA SER B 584 25.22 -7.01 -1.85
C SER B 584 25.22 -6.03 -3.01
N ILE B 585 24.71 -4.82 -2.77
CA ILE B 585 24.73 -3.80 -3.80
C ILE B 585 26.17 -3.52 -4.21
N VAL B 586 27.07 -3.39 -3.24
CA VAL B 586 28.44 -3.10 -3.63
C VAL B 586 29.04 -4.24 -4.43
N ILE B 587 28.88 -5.48 -3.99
CA ILE B 587 29.71 -6.57 -4.51
C ILE B 587 29.11 -7.19 -5.76
N TRP B 588 27.79 -7.35 -5.83
CA TRP B 588 27.18 -7.88 -7.03
C TRP B 588 26.08 -7.00 -7.59
N GLY B 589 25.81 -5.85 -6.97
CA GLY B 589 24.94 -4.87 -7.57
C GLY B 589 23.49 -5.27 -7.71
N LYS B 590 22.91 -5.91 -6.69
CA LYS B 590 21.47 -6.15 -6.68
C LYS B 590 21.07 -6.65 -5.31
N THR B 591 19.84 -6.34 -4.93
CA THR B 591 19.34 -6.77 -3.64
C THR B 591 18.87 -8.21 -3.72
N PRO B 592 19.34 -9.09 -2.86
CA PRO B 592 18.94 -10.49 -2.92
C PRO B 592 17.58 -10.71 -2.27
N LYS B 593 17.10 -11.95 -2.38
CA LYS B 593 15.83 -12.34 -1.81
C LYS B 593 16.08 -12.96 -0.44
N PHE B 594 15.41 -12.43 0.57
CA PHE B 594 15.67 -12.81 1.95
C PHE B 594 14.78 -13.95 2.40
N LYS B 595 15.29 -14.74 3.34
CA LYS B 595 14.54 -15.81 3.99
C LYS B 595 14.58 -15.52 5.48
N LEU B 596 13.66 -14.68 5.92
CA LEU B 596 13.77 -14.06 7.23
C LEU B 596 13.35 -15.02 8.34
N PRO B 597 14.00 -14.96 9.49
CA PRO B 597 13.62 -15.77 10.65
C PRO B 597 12.65 -15.06 11.60
N ILE B 598 11.41 -14.87 11.14
CA ILE B 598 10.42 -14.14 11.91
C ILE B 598 9.06 -14.45 11.30
N GLN B 599 8.03 -14.46 12.13
CA GLN B 599 6.68 -14.63 11.60
C GLN B 599 6.30 -13.43 10.75
N LYS B 600 5.64 -13.71 9.63
CA LYS B 600 5.29 -12.64 8.69
C LYS B 600 4.43 -11.60 9.37
N GLU B 601 3.51 -12.04 10.23
CA GLU B 601 2.71 -11.09 10.98
C GLU B 601 3.59 -10.18 11.81
N THR B 602 4.63 -10.71 12.44
CA THR B 602 5.47 -9.87 13.27
C THR B 602 6.20 -8.84 12.44
N TRP B 603 6.75 -9.25 11.31
CA TRP B 603 7.54 -8.35 10.50
C TRP B 603 6.67 -7.24 9.95
N GLU B 604 5.46 -7.57 9.51
CA GLU B 604 4.64 -6.58 8.84
C GLU B 604 4.25 -5.44 9.76
N THR B 605 4.48 -5.57 11.06
CA THR B 605 4.06 -4.51 11.97
C THR B 605 5.18 -3.57 12.34
N TRP B 606 6.38 -4.09 12.58
CA TRP B 606 7.47 -3.27 13.10
C TRP B 606 8.68 -3.32 12.20
N TRP B 607 8.50 -3.64 10.92
CA TRP B 607 9.64 -3.49 10.04
C TRP B 607 9.89 -2.06 9.62
N THR B 608 8.83 -1.26 9.46
CA THR B 608 9.01 0.12 9.04
C THR B 608 9.46 1.01 10.18
N GLU B 609 9.38 0.55 11.41
CA GLU B 609 9.80 1.39 12.52
C GLU B 609 11.29 1.67 12.47
N TYR B 610 12.06 0.72 11.97
CA TYR B 610 13.52 0.78 12.11
C TYR B 610 14.26 0.61 10.78
N TRP B 611 13.66 0.99 9.67
CA TRP B 611 14.28 0.86 8.36
C TRP B 611 14.68 2.23 7.85
N GLN B 612 15.96 2.40 7.57
CA GLN B 612 16.49 3.64 7.02
C GLN B 612 17.21 3.30 5.73
N ALA B 613 16.45 3.23 4.65
CA ALA B 613 16.98 2.91 3.33
C ALA B 613 15.89 3.12 2.31
N THR B 614 16.25 3.66 1.15
CA THR B 614 15.26 3.95 0.13
C THR B 614 14.72 2.68 -0.51
N TRP B 615 15.57 1.68 -0.68
CA TRP B 615 15.17 0.47 -1.39
C TRP B 615 14.32 -0.41 -0.50
N ILE B 616 13.84 -1.50 -1.07
CA ILE B 616 13.11 -2.52 -0.31
C ILE B 616 13.43 -3.88 -0.92
N PRO B 617 13.91 -4.84 -0.14
CA PRO B 617 14.24 -6.15 -0.67
C PRO B 617 13.08 -7.12 -0.56
N GLU B 618 13.10 -8.10 -1.46
CA GLU B 618 12.09 -9.15 -1.43
C GLU B 618 12.43 -10.16 -0.36
N TRP B 619 11.45 -10.49 0.48
CA TRP B 619 11.67 -11.44 1.55
C TRP B 619 10.59 -12.50 1.57
N GLU B 620 11.01 -13.70 1.93
CA GLU B 620 10.13 -14.83 2.17
C GLU B 620 10.42 -15.31 3.60
N PHE B 621 9.42 -15.89 4.24
CA PHE B 621 9.50 -16.17 5.66
C PHE B 621 9.78 -17.65 5.93
N VAL B 622 10.61 -17.90 6.93
CA VAL B 622 11.09 -19.24 7.25
C VAL B 622 10.48 -19.68 8.58
N ASN B 623 9.90 -20.88 8.59
CA ASN B 623 9.28 -21.44 9.78
C ASN B 623 9.87 -22.79 10.15
N THR B 624 11.11 -23.06 9.78
CA THR B 624 11.76 -24.32 10.11
C THR B 624 13.14 -24.06 10.72
N PRO B 625 13.37 -24.50 11.96
CA PRO B 625 14.70 -24.38 12.54
C PRO B 625 15.58 -25.54 12.12
N PRO B 626 16.63 -25.26 11.34
CA PRO B 626 17.56 -26.32 10.95
C PRO B 626 18.69 -26.49 11.95
N LEU B 627 19.65 -27.33 11.58
CA LEU B 627 20.90 -27.46 12.31
C LEU B 627 21.94 -26.44 11.87
N VAL B 628 21.62 -25.60 10.87
CA VAL B 628 22.61 -24.66 10.35
C VAL B 628 22.98 -23.61 11.39
N LYS B 629 22.00 -23.21 12.21
CA LYS B 629 22.28 -22.22 13.26
C LYS B 629 23.33 -22.73 14.24
N LEU B 630 23.19 -23.98 14.70
CA LEU B 630 24.22 -24.55 15.55
C LEU B 630 25.49 -24.81 14.75
N TRP B 631 25.35 -25.10 13.47
CA TRP B 631 26.51 -25.46 12.66
C TRP B 631 27.47 -24.29 12.53
N TYR B 632 26.94 -23.11 12.24
CA TYR B 632 27.81 -22.01 11.82
C TYR B 632 28.61 -21.38 12.94
N GLN B 633 28.02 -21.13 14.11
CA GLN B 633 28.75 -20.42 15.16
C GLN B 633 28.32 -20.78 16.57
#